data_7W2I
#
_entry.id   7W2I
#
_cell.length_a   67.958
_cell.length_b   75.976
_cell.length_c   134.953
_cell.angle_alpha   90.000
_cell.angle_beta   90.000
_cell.angle_gamma   90.000
#
_symmetry.space_group_name_H-M   'P 21 21 21'
#
loop_
_entity.id
_entity.type
_entity.pdbx_description
1 polymer "Cytokinin riboside 5'-monophosphate phosphoribohydrolase"
2 polymer "Cytokinin riboside 5'-monophosphate phosphoribohydrolase"
3 non-polymer 'MAGNESIUM ION'
4 non-polymer 1,2-ETHANEDIOL
5 non-polymer DI(HYDROXYETHYL)ETHER
6 non-polymer GLYCEROL
7 water water
#
loop_
_entity_poly.entity_id
_entity_poly.type
_entity_poly.pdbx_seq_one_letter_code
_entity_poly.pdbx_strand_id
1 'polypeptide(L)'
;IDITGDWTVAVYCAASPTHAELLELAAEVGAAIAGRGWTLVWGGGHVSAMGAVASAARACGGWTVGVIPKMLVYRELADH
DADELIVTDTMWERKQIMEDRSDAFIVLPGGVGTLDELFDAWTDGYLGTHDKPIVMVDPWGHFDGLRAWLNGLLDTGYVS
PTAMERLVVVDNVKDALRACAPS
;
A
2 'polypeptide(L)'
;WTVAVYCAASPTHAELLELAAEVGAAIAGRGWTLVWGGGHVSAMGAVASAARACGGWTVGVIPKMLVYRELADHDADELI
VTDTMWERKQIMEDRSDAFIVLPGGVGTLDELFDAWTDGYLGTHDKPIVMVDPWGHFDGLRAWLNGLLDTGYVSPTAMER
LVVVDNVKDALRACAPS
;
B,C,D
#
loop_
_chem_comp.id
_chem_comp.type
_chem_comp.name
_chem_comp.formula
EDO non-polymer 1,2-ETHANEDIOL 'C2 H6 O2'
GOL non-polymer GLYCEROL 'C3 H8 O3'
MG non-polymer 'MAGNESIUM ION' 'Mg 2'
PEG non-polymer DI(HYDROXYETHYL)ETHER 'C4 H10 O3'
#
# COMPACT_ATOMS: atom_id res chain seq x y z
N ILE A 1 40.18 4.83 -10.52
CA ILE A 1 39.33 4.91 -11.75
C ILE A 1 37.87 4.60 -11.40
N ASP A 2 36.93 5.36 -11.95
CA ASP A 2 35.49 5.23 -11.63
C ASP A 2 35.03 3.78 -11.85
N ILE A 3 34.17 3.25 -10.98
CA ILE A 3 33.62 1.86 -11.12
C ILE A 3 32.81 1.77 -12.43
N THR A 4 32.86 0.62 -13.12
CA THR A 4 31.90 0.21 -14.19
C THR A 4 31.26 -1.13 -13.82
N GLY A 5 30.08 -1.37 -14.38
CA GLY A 5 29.45 -2.69 -14.29
C GLY A 5 28.88 -2.97 -12.90
N ASP A 6 28.46 -1.92 -12.16
CA ASP A 6 27.95 -2.04 -10.77
C ASP A 6 26.44 -1.81 -10.73
N TRP A 7 25.81 -1.51 -11.85
CA TRP A 7 24.39 -1.07 -11.88
C TRP A 7 23.75 -1.36 -13.23
N THR A 8 22.46 -1.63 -13.19
CA THR A 8 21.70 -1.99 -14.38
C THR A 8 20.43 -1.17 -14.42
N VAL A 9 20.13 -0.61 -15.57
CA VAL A 9 18.86 0.14 -15.75
C VAL A 9 18.06 -0.51 -16.87
N ALA A 10 16.78 -0.75 -16.62
CA ALA A 10 15.80 -1.20 -17.61
C ALA A 10 15.17 0.05 -18.21
N VAL A 11 15.05 0.06 -19.51
CA VAL A 11 14.33 1.14 -20.22
C VAL A 11 13.14 0.56 -20.94
N TYR A 12 11.96 1.12 -20.67
CA TYR A 12 10.69 0.70 -21.28
C TYR A 12 10.34 1.82 -22.25
N CYS A 13 10.07 1.52 -23.50
CA CYS A 13 9.95 2.58 -24.52
C CYS A 13 9.30 2.01 -25.76
N ALA A 14 8.88 2.91 -26.65
CA ALA A 14 8.05 2.58 -27.82
C ALA A 14 8.68 1.54 -28.72
N ALA A 15 7.79 0.75 -29.30
CA ALA A 15 8.15 -0.27 -30.28
C ALA A 15 7.79 0.16 -31.70
N SER A 16 7.08 1.24 -31.95
CA SER A 16 6.52 1.47 -33.30
CA SER A 16 6.48 1.49 -33.29
C SER A 16 7.02 2.74 -33.98
N PRO A 17 6.75 3.94 -33.48
CA PRO A 17 6.99 5.10 -34.32
C PRO A 17 8.48 5.42 -34.55
N THR A 18 8.76 6.19 -35.63
CA THR A 18 10.13 6.64 -35.95
C THR A 18 10.27 8.14 -35.79
N HIS A 19 9.38 8.81 -35.03
CA HIS A 19 9.50 10.27 -34.82
C HIS A 19 10.91 10.61 -34.38
N ALA A 20 11.48 11.66 -34.97
CA ALA A 20 12.87 12.03 -34.66
C ALA A 20 13.03 12.33 -33.18
N GLU A 21 12.08 13.05 -32.56
CA GLU A 21 12.22 13.49 -31.14
C GLU A 21 12.29 12.22 -30.25
N LEU A 22 11.62 11.16 -30.67
CA LEU A 22 11.55 9.89 -29.89
C LEU A 22 12.90 9.15 -30.04
N LEU A 23 13.37 8.96 -31.27
CA LEU A 23 14.67 8.26 -31.43
C LEU A 23 15.81 9.07 -30.80
N GLU A 24 15.79 10.42 -30.88
CA GLU A 24 16.86 11.23 -30.26
C GLU A 24 16.87 10.96 -28.75
N LEU A 25 15.69 11.00 -28.12
CA LEU A 25 15.61 10.85 -26.67
C LEU A 25 16.15 9.46 -26.27
N ALA A 26 15.65 8.42 -26.93
CA ALA A 26 16.00 7.02 -26.59
C ALA A 26 17.52 6.84 -26.80
N ALA A 27 18.11 7.38 -27.88
CA ALA A 27 19.58 7.28 -28.11
C ALA A 27 20.36 8.04 -27.03
N GLU A 28 19.83 9.18 -26.58
CA GLU A 28 20.49 9.99 -25.54
C GLU A 28 20.49 9.22 -24.22
N VAL A 29 19.40 8.50 -23.92
CA VAL A 29 19.31 7.69 -22.68
C VAL A 29 20.30 6.51 -22.74
N GLY A 30 20.31 5.81 -23.84
CA GLY A 30 21.18 4.62 -24.03
C GLY A 30 22.65 5.04 -23.95
N ALA A 31 23.03 6.13 -24.60
CA ALA A 31 24.39 6.69 -24.52
C ALA A 31 24.75 7.03 -23.07
N ALA A 32 23.84 7.63 -22.29
CA ALA A 32 24.15 8.11 -20.94
C ALA A 32 24.27 6.91 -20.01
N ILE A 33 23.48 5.87 -20.22
CA ILE A 33 23.52 4.65 -19.37
C ILE A 33 24.91 4.00 -19.58
N ALA A 34 25.29 3.78 -20.82
CA ALA A 34 26.59 3.18 -21.17
C ALA A 34 27.71 4.10 -20.66
N GLY A 35 27.55 5.41 -20.75
CA GLY A 35 28.59 6.38 -20.32
C GLY A 35 28.83 6.31 -18.83
N ARG A 36 27.82 5.93 -18.03
CA ARG A 36 27.99 5.73 -16.56
C ARG A 36 28.67 4.40 -16.23
N GLY A 37 28.92 3.52 -17.22
CA GLY A 37 29.36 2.11 -17.05
C GLY A 37 28.26 1.19 -16.51
N TRP A 38 27.00 1.48 -16.81
CA TRP A 38 25.83 0.68 -16.37
C TRP A 38 25.40 -0.26 -17.50
N THR A 39 24.77 -1.37 -17.16
CA THR A 39 24.21 -2.28 -18.15
C THR A 39 22.84 -1.72 -18.51
N LEU A 40 22.48 -1.85 -19.77
CA LEU A 40 21.09 -1.59 -20.23
C LEU A 40 20.35 -2.92 -20.27
N VAL A 41 19.16 -2.94 -19.69
CA VAL A 41 18.13 -3.95 -19.99
C VAL A 41 17.02 -3.28 -20.79
N TRP A 42 16.56 -3.93 -21.83
CA TRP A 42 15.40 -3.43 -22.61
C TRP A 42 14.62 -4.60 -23.24
N GLY A 43 13.51 -4.29 -23.90
CA GLY A 43 12.57 -5.30 -24.42
C GLY A 43 13.09 -6.00 -25.65
N GLY A 44 14.30 -5.68 -26.10
CA GLY A 44 15.04 -6.50 -27.09
C GLY A 44 14.68 -6.16 -28.52
N GLY A 45 13.96 -5.07 -28.79
CA GLY A 45 13.56 -4.73 -30.17
C GLY A 45 14.58 -3.90 -30.89
N HIS A 46 14.62 -3.96 -32.21
CA HIS A 46 15.55 -3.13 -33.01
C HIS A 46 14.78 -1.96 -33.64
N VAL A 47 13.49 -1.86 -33.40
CA VAL A 47 12.57 -0.87 -34.03
C VAL A 47 12.42 0.35 -33.11
N SER A 48 12.17 1.54 -33.66
CA SER A 48 11.65 2.66 -32.84
C SER A 48 12.59 2.97 -31.65
N ALA A 49 12.05 3.43 -30.56
CA ALA A 49 12.83 3.84 -29.36
C ALA A 49 13.65 2.65 -28.87
N MET A 50 13.06 1.46 -28.89
CA MET A 50 13.80 0.26 -28.38
C MET A 50 15.11 0.09 -29.15
N GLY A 51 15.07 0.19 -30.48
CA GLY A 51 16.31 0.05 -31.27
C GLY A 51 17.30 1.15 -30.98
N ALA A 52 16.84 2.40 -30.81
CA ALA A 52 17.73 3.54 -30.52
C ALA A 52 18.45 3.41 -29.19
N VAL A 53 17.76 3.06 -28.11
CA VAL A 53 18.36 3.01 -26.77
C VAL A 53 19.48 1.95 -26.76
N ALA A 54 19.24 0.82 -27.38
CA ALA A 54 20.23 -0.30 -27.35
C ALA A 54 21.37 -0.02 -28.33
N SER A 55 21.10 0.48 -29.52
CA SER A 55 22.16 0.85 -30.51
C SER A 55 23.11 1.89 -29.93
N ALA A 56 22.59 2.95 -29.30
CA ALA A 56 23.40 4.02 -28.68
C ALA A 56 24.20 3.48 -27.49
N ALA A 57 23.61 2.63 -26.64
CA ALA A 57 24.36 2.04 -25.50
C ALA A 57 25.57 1.25 -26.06
N ARG A 58 25.36 0.42 -27.06
CA ARG A 58 26.46 -0.42 -27.61
C ARG A 58 27.50 0.48 -28.25
N ALA A 59 27.08 1.54 -28.94
CA ALA A 59 28.01 2.45 -29.63
C ALA A 59 28.93 3.17 -28.63
N CYS A 60 28.52 3.31 -27.36
CA CYS A 60 29.29 3.91 -26.25
C CYS A 60 29.98 2.84 -25.40
N GLY A 61 30.01 1.58 -25.91
CA GLY A 61 30.71 0.44 -25.30
C GLY A 61 29.94 -0.18 -24.14
N GLY A 62 28.63 0.00 -24.07
CA GLY A 62 27.87 -0.57 -22.93
C GLY A 62 27.36 -1.95 -23.27
N TRP A 63 27.11 -2.73 -22.24
CA TRP A 63 26.44 -4.04 -22.30
C TRP A 63 24.93 -3.87 -22.42
N THR A 64 24.34 -4.64 -23.33
CA THR A 64 22.89 -4.60 -23.65
C THR A 64 22.29 -5.97 -23.49
N VAL A 65 21.23 -6.04 -22.70
CA VAL A 65 20.50 -7.29 -22.38
C VAL A 65 19.07 -7.11 -22.84
N GLY A 66 18.71 -7.80 -23.92
CA GLY A 66 17.35 -7.73 -24.45
C GLY A 66 16.53 -8.91 -23.99
N VAL A 67 15.29 -8.65 -23.61
CA VAL A 67 14.38 -9.70 -23.08
C VAL A 67 13.08 -9.57 -23.86
N ILE A 68 12.84 -10.55 -24.70
CA ILE A 68 11.75 -10.45 -25.72
C ILE A 68 10.92 -11.73 -25.69
N PRO A 69 9.59 -11.62 -25.67
CA PRO A 69 8.74 -12.80 -25.76
C PRO A 69 8.68 -13.31 -27.20
N LYS A 70 8.52 -14.63 -27.33
CA LYS A 70 8.41 -15.28 -28.65
C LYS A 70 7.38 -14.56 -29.55
N MET A 71 6.28 -14.07 -29.00
CA MET A 71 5.23 -13.39 -29.81
C MET A 71 5.78 -12.19 -30.57
N LEU A 72 6.73 -11.45 -30.02
CA LEU A 72 7.34 -10.28 -30.70
C LEU A 72 8.53 -10.70 -31.58
N VAL A 73 9.18 -11.83 -31.29
CA VAL A 73 10.20 -12.40 -32.23
C VAL A 73 9.47 -12.75 -33.54
N TYR A 74 8.24 -13.24 -33.44
CA TYR A 74 7.46 -13.63 -34.64
C TYR A 74 7.18 -12.41 -35.52
N ARG A 75 7.20 -11.20 -34.95
CA ARG A 75 6.93 -9.95 -35.68
C ARG A 75 8.21 -9.31 -36.23
N GLU A 76 9.32 -10.06 -36.26
CA GLU A 76 10.64 -9.65 -36.82
C GLU A 76 11.18 -8.43 -36.07
N LEU A 77 10.92 -8.33 -34.76
CA LEU A 77 11.36 -7.18 -33.94
C LEU A 77 12.67 -7.45 -33.23
N ALA A 78 13.14 -8.69 -33.13
CA ALA A 78 14.31 -9.03 -32.28
C ALA A 78 15.57 -8.30 -32.76
N ASP A 79 16.33 -7.71 -31.83
CA ASP A 79 17.65 -7.10 -32.08
C ASP A 79 18.70 -8.21 -31.94
N HIS A 80 19.10 -8.82 -33.06
CA HIS A 80 20.13 -9.91 -33.00
C HIS A 80 21.50 -9.37 -32.58
N ASP A 81 21.70 -8.05 -32.48
CA ASP A 81 22.96 -7.42 -32.06
C ASP A 81 22.98 -7.21 -30.54
N ALA A 82 21.94 -7.61 -29.83
CA ALA A 82 21.95 -7.59 -28.34
C ALA A 82 23.18 -8.33 -27.85
N ASP A 83 23.86 -7.86 -26.82
CA ASP A 83 24.96 -8.62 -26.20
C ASP A 83 24.41 -9.90 -25.58
N GLU A 84 23.23 -9.84 -24.93
CA GLU A 84 22.49 -11.02 -24.46
C GLU A 84 21.07 -10.83 -24.97
N LEU A 85 20.54 -11.83 -25.68
CA LEU A 85 19.12 -11.82 -26.12
C LEU A 85 18.44 -12.99 -25.44
N ILE A 86 17.46 -12.68 -24.59
CA ILE A 86 16.69 -13.71 -23.86
C ILE A 86 15.28 -13.80 -24.46
N VAL A 87 14.93 -14.96 -25.05
CA VAL A 87 13.58 -15.19 -25.58
C VAL A 87 12.73 -15.90 -24.52
N THR A 88 11.57 -15.34 -24.20
CA THR A 88 10.65 -15.91 -23.18
C THR A 88 9.42 -16.48 -23.87
N ASP A 89 8.79 -17.46 -23.23
CA ASP A 89 7.49 -17.99 -23.69
C ASP A 89 6.39 -16.99 -23.44
N THR A 90 6.46 -16.23 -22.34
CA THR A 90 5.32 -15.41 -21.85
C THR A 90 5.77 -13.95 -21.59
N MET A 91 4.80 -13.05 -21.61
CA MET A 91 4.94 -11.66 -21.12
C MET A 91 5.30 -11.66 -19.64
N TRP A 92 4.69 -12.52 -18.80
CA TRP A 92 4.98 -12.40 -17.36
C TRP A 92 6.46 -12.73 -17.12
N GLU A 93 6.98 -13.76 -17.81
CA GLU A 93 8.41 -14.15 -17.70
C GLU A 93 9.30 -13.02 -18.24
N ARG A 94 8.91 -12.38 -19.33
CA ARG A 94 9.67 -11.22 -19.88
C ARG A 94 9.80 -10.13 -18.79
N LYS A 95 8.69 -9.69 -18.23
CA LYS A 95 8.67 -8.54 -17.27
C LYS A 95 9.43 -8.96 -16.00
N GLN A 96 9.31 -10.22 -15.60
CA GLN A 96 9.96 -10.71 -14.36
C GLN A 96 11.49 -10.78 -14.51
N ILE A 97 11.99 -11.22 -15.65
CA ILE A 97 13.44 -11.27 -15.88
C ILE A 97 13.94 -9.82 -15.96
N MET A 98 13.21 -8.91 -16.59
CA MET A 98 13.70 -7.50 -16.71
C MET A 98 13.78 -6.89 -15.31
N GLU A 99 12.77 -7.12 -14.50
CA GLU A 99 12.72 -6.53 -13.13
C GLU A 99 13.83 -7.13 -12.29
N ASP A 100 14.03 -8.44 -12.31
CA ASP A 100 15.05 -9.08 -11.44
C ASP A 100 16.47 -8.62 -11.80
N ARG A 101 16.75 -8.35 -13.07
CA ARG A 101 18.10 -8.02 -13.55
C ARG A 101 18.43 -6.57 -13.22
N SER A 102 17.41 -5.75 -12.97
CA SER A 102 17.53 -4.27 -13.02
C SER A 102 17.50 -3.64 -11.62
N ASP A 103 18.23 -2.54 -11.47
CA ASP A 103 18.33 -1.80 -10.19
C ASP A 103 17.42 -0.58 -10.26
N ALA A 104 17.06 -0.18 -11.47
CA ALA A 104 16.21 1.02 -11.69
C ALA A 104 15.46 0.91 -13.02
N PHE A 105 14.41 1.71 -13.19
CA PHE A 105 13.54 1.64 -14.37
C PHE A 105 13.35 3.03 -14.94
N ILE A 106 13.56 3.14 -16.24
CA ILE A 106 13.27 4.40 -16.98
C ILE A 106 12.10 4.09 -17.91
N VAL A 107 11.11 4.98 -17.91
CA VAL A 107 9.94 4.88 -18.80
C VAL A 107 9.98 6.06 -19.77
N LEU A 108 10.05 5.74 -21.05
CA LEU A 108 10.03 6.76 -22.12
C LEU A 108 8.67 6.69 -22.79
N PRO A 109 8.39 7.68 -23.68
CA PRO A 109 7.17 7.63 -24.46
C PRO A 109 7.03 6.29 -25.15
N GLY A 110 5.82 5.75 -25.02
CA GLY A 110 5.39 4.53 -25.68
C GLY A 110 3.88 4.44 -25.63
N GLY A 111 3.40 3.30 -26.03
CA GLY A 111 1.97 2.90 -26.09
C GLY A 111 1.66 1.76 -25.12
N VAL A 112 0.80 0.80 -25.50
CA VAL A 112 0.18 -0.15 -24.53
C VAL A 112 1.27 -0.98 -23.83
N GLY A 113 2.21 -1.55 -24.56
CA GLY A 113 3.29 -2.33 -23.93
C GLY A 113 4.09 -1.55 -22.89
N THR A 114 4.47 -0.31 -23.18
CA THR A 114 5.23 0.55 -22.26
C THR A 114 4.36 0.81 -21.02
N LEU A 115 3.08 1.12 -21.23
CA LEU A 115 2.16 1.42 -20.11
C LEU A 115 2.02 0.18 -19.21
N ASP A 116 1.95 -1.00 -19.81
CA ASP A 116 1.95 -2.27 -19.05
C ASP A 116 3.18 -2.35 -18.14
N GLU A 117 4.37 -2.03 -18.66
CA GLU A 117 5.65 -2.09 -17.90
C GLU A 117 5.61 -1.03 -16.80
N LEU A 118 5.19 0.18 -17.12
CA LEU A 118 5.00 1.27 -16.15
C LEU A 118 4.11 0.79 -14.98
N PHE A 119 2.87 0.44 -15.24
CA PHE A 119 1.88 0.18 -14.16
C PHE A 119 2.30 -1.06 -13.35
N ASP A 120 2.93 -2.04 -13.99
CA ASP A 120 3.46 -3.25 -13.33
C ASP A 120 4.57 -2.86 -12.33
N ALA A 121 5.54 -2.04 -12.75
CA ALA A 121 6.61 -1.55 -11.84
C ALA A 121 6.00 -0.70 -10.72
N TRP A 122 5.16 0.24 -11.10
CA TRP A 122 4.60 1.23 -10.16
C TRP A 122 3.80 0.51 -9.06
N THR A 123 2.98 -0.48 -9.41
CA THR A 123 2.22 -1.26 -8.41
C THR A 123 3.16 -1.98 -7.45
N ASP A 124 4.18 -2.63 -8.00
CA ASP A 124 5.16 -3.35 -7.14
C ASP A 124 5.93 -2.40 -6.24
N GLY A 125 6.33 -1.23 -6.75
CA GLY A 125 7.06 -0.26 -5.92
C GLY A 125 6.15 0.33 -4.84
N TYR A 126 4.90 0.61 -5.18
CA TYR A 126 3.94 1.24 -4.23
C TYR A 126 3.59 0.24 -3.13
N LEU A 127 3.39 -1.02 -3.46
CA LEU A 127 3.03 -2.06 -2.46
C LEU A 127 4.27 -2.45 -1.62
N GLY A 128 5.47 -2.04 -2.04
CA GLY A 128 6.73 -2.09 -1.26
C GLY A 128 7.56 -3.33 -1.53
N THR A 129 7.28 -4.03 -2.64
CA THR A 129 8.03 -5.21 -3.13
C THR A 129 9.51 -4.85 -3.31
N HIS A 130 9.79 -3.64 -3.80
CA HIS A 130 11.16 -3.14 -4.03
C HIS A 130 11.17 -1.62 -3.88
N ASP A 131 12.35 -1.06 -3.70
CA ASP A 131 12.60 0.39 -3.57
C ASP A 131 13.39 0.91 -4.78
N LYS A 132 13.30 0.22 -5.91
CA LYS A 132 14.07 0.61 -7.11
C LYS A 132 13.42 1.86 -7.70
N PRO A 133 14.21 2.87 -8.09
CA PRO A 133 13.68 4.04 -8.76
C PRO A 133 12.91 3.70 -10.04
N ILE A 134 11.77 4.39 -10.22
CA ILE A 134 10.90 4.31 -11.42
C ILE A 134 10.79 5.76 -11.92
N VAL A 135 11.41 6.01 -13.05
CA VAL A 135 11.64 7.39 -13.55
C VAL A 135 11.06 7.49 -14.94
N MET A 136 10.07 8.35 -15.09
CA MET A 136 9.49 8.71 -16.39
C MET A 136 10.24 9.94 -16.95
N VAL A 137 10.63 9.89 -18.21
CA VAL A 137 11.37 10.97 -18.91
C VAL A 137 10.42 11.44 -20.00
N ASP A 138 10.02 12.72 -19.93
CA ASP A 138 9.04 13.26 -20.89
C ASP A 138 9.42 14.70 -21.24
N PRO A 139 10.27 14.90 -22.25
CA PRO A 139 10.74 16.25 -22.56
C PRO A 139 9.65 17.11 -23.22
N TRP A 140 8.68 16.49 -23.89
CA TRP A 140 7.79 17.28 -24.80
C TRP A 140 6.31 17.17 -24.42
N GLY A 141 5.96 16.40 -23.38
CA GLY A 141 4.56 16.31 -22.90
C GLY A 141 3.80 15.16 -23.52
N HIS A 142 4.53 14.08 -23.89
CA HIS A 142 3.88 12.85 -24.39
C HIS A 142 2.77 12.42 -23.42
N PHE A 143 3.08 12.43 -22.15
CA PHE A 143 2.25 11.82 -21.08
C PHE A 143 1.36 12.88 -20.39
N ASP A 144 1.31 14.10 -20.92
CA ASP A 144 0.54 15.14 -20.21
C ASP A 144 -0.93 14.71 -20.00
N GLY A 145 -1.58 14.14 -21.00
CA GLY A 145 -2.99 13.71 -20.90
C GLY A 145 -3.17 12.65 -19.82
N LEU A 146 -2.20 11.74 -19.75
CA LEU A 146 -2.26 10.67 -18.72
C LEU A 146 -2.08 11.27 -17.34
N ARG A 147 -1.11 12.18 -17.17
CA ARG A 147 -0.78 12.74 -15.84
C ARG A 147 -1.93 13.65 -15.36
N ALA A 148 -2.58 14.36 -16.25
CA ALA A 148 -3.75 15.18 -15.86
C ALA A 148 -4.86 14.26 -15.31
N TRP A 149 -5.12 13.18 -16.04
CA TRP A 149 -6.13 12.17 -15.70
C TRP A 149 -5.77 11.52 -14.36
N LEU A 150 -4.49 11.18 -14.15
CA LEU A 150 -4.03 10.58 -12.85
C LEU A 150 -4.20 11.58 -11.73
N ASN A 151 -4.00 12.88 -11.99
CA ASN A 151 -4.24 13.90 -10.96
C ASN A 151 -5.73 13.91 -10.54
N GLY A 152 -6.65 13.74 -11.48
CA GLY A 152 -8.09 13.60 -11.14
C GLY A 152 -8.37 12.36 -10.27
N LEU A 153 -7.66 11.26 -10.48
CA LEU A 153 -7.77 10.06 -9.60
C LEU A 153 -7.21 10.37 -8.21
N LEU A 154 -6.14 11.15 -8.11
CA LEU A 154 -5.58 11.59 -6.80
C LEU A 154 -6.64 12.43 -6.07
N ASP A 155 -7.28 13.35 -6.77
CA ASP A 155 -8.36 14.20 -6.20
C ASP A 155 -9.56 13.36 -5.72
N THR A 156 -9.89 12.22 -6.34
CA THR A 156 -11.10 11.43 -5.94
C THR A 156 -10.70 10.18 -5.13
N GLY A 157 -9.46 10.07 -4.66
CA GLY A 157 -8.99 9.02 -3.72
C GLY A 157 -8.74 7.68 -4.38
N TYR A 158 -8.69 7.59 -5.71
CA TYR A 158 -8.31 6.33 -6.39
C TYR A 158 -6.80 6.10 -6.39
N VAL A 159 -6.01 7.16 -6.41
CA VAL A 159 -4.53 7.09 -6.31
C VAL A 159 -4.16 7.93 -5.10
N SER A 160 -3.28 7.43 -4.27
CA SER A 160 -2.85 8.12 -3.04
C SER A 160 -1.69 9.06 -3.33
N PRO A 161 -1.46 10.06 -2.46
CA PRO A 161 -0.23 10.85 -2.51
C PRO A 161 1.04 10.00 -2.48
N THR A 162 1.05 8.97 -1.65
CA THR A 162 2.21 8.03 -1.52
C THR A 162 2.47 7.38 -2.88
N ALA A 163 1.45 6.84 -3.54
CA ALA A 163 1.59 6.25 -4.88
C ALA A 163 2.21 7.28 -5.84
N MET A 164 1.62 8.47 -5.91
CA MET A 164 2.11 9.54 -6.83
C MET A 164 3.60 9.83 -6.56
N GLU A 165 4.03 9.77 -5.31
CA GLU A 165 5.44 10.09 -4.92
C GLU A 165 6.38 8.97 -5.37
N ARG A 166 5.88 7.77 -5.61
CA ARG A 166 6.75 6.59 -5.87
C ARG A 166 7.29 6.68 -7.31
N LEU A 167 6.57 7.38 -8.16
CA LEU A 167 6.93 7.61 -9.59
C LEU A 167 7.58 8.98 -9.71
N VAL A 168 8.80 9.04 -10.24
CA VAL A 168 9.57 10.28 -10.46
C VAL A 168 9.39 10.64 -11.92
N VAL A 169 9.01 11.89 -12.22
CA VAL A 169 8.91 12.31 -13.65
C VAL A 169 9.87 13.48 -13.87
N VAL A 170 10.69 13.37 -14.89
CA VAL A 170 11.65 14.45 -15.23
C VAL A 170 11.53 14.76 -16.71
N ASP A 171 12.09 15.89 -17.15
CA ASP A 171 11.99 16.25 -18.59
C ASP A 171 13.35 16.17 -19.27
N ASN A 172 14.39 15.63 -18.62
CA ASN A 172 15.73 15.62 -19.24
C ASN A 172 16.48 14.36 -18.77
N VAL A 173 17.47 13.97 -19.56
CA VAL A 173 18.20 12.68 -19.31
C VAL A 173 19.14 12.81 -18.12
N LYS A 174 19.82 13.94 -17.93
CA LYS A 174 20.77 14.10 -16.81
C LYS A 174 20.05 13.92 -15.47
N ASP A 175 18.89 14.54 -15.30
CA ASP A 175 18.07 14.41 -14.09
C ASP A 175 17.54 12.98 -13.96
N ALA A 176 17.22 12.32 -15.07
CA ALA A 176 16.73 10.92 -15.05
C ALA A 176 17.79 10.01 -14.44
N LEU A 177 19.01 10.04 -14.94
CA LEU A 177 20.09 9.14 -14.43
C LEU A 177 20.48 9.53 -13.01
N ARG A 178 20.41 10.81 -12.62
CA ARG A 178 20.65 11.17 -11.21
C ARG A 178 19.62 10.45 -10.32
N ALA A 179 18.35 10.38 -10.73
CA ALA A 179 17.24 9.74 -9.99
C ALA A 179 17.41 8.20 -9.98
N CYS A 180 18.11 7.63 -10.94
CA CYS A 180 18.32 6.14 -11.05
C CYS A 180 19.58 5.72 -10.30
N ALA A 181 20.50 6.65 -10.00
CA ALA A 181 21.89 6.28 -9.61
C ALA A 181 21.91 5.62 -8.24
N PRO A 182 22.88 4.72 -7.96
CA PRO A 182 23.01 4.13 -6.63
C PRO A 182 23.54 5.14 -5.60
N SER A 183 23.10 4.98 -4.36
CA SER A 183 23.54 5.71 -3.14
C SER A 183 24.58 4.84 -2.40
N TRP B 1 -18.06 -21.32 -16.33
CA TRP B 1 -17.56 -20.02 -16.86
C TRP B 1 -17.14 -19.12 -15.71
N THR B 2 -16.01 -18.47 -15.86
CA THR B 2 -15.35 -17.72 -14.77
C THR B 2 -15.05 -16.32 -15.29
N VAL B 3 -15.46 -15.31 -14.57
CA VAL B 3 -15.10 -13.90 -14.89
C VAL B 3 -14.21 -13.34 -13.77
N ALA B 4 -13.05 -12.80 -14.13
CA ALA B 4 -12.23 -12.00 -13.20
C ALA B 4 -12.72 -10.55 -13.20
N VAL B 5 -12.79 -9.94 -12.04
CA VAL B 5 -13.19 -8.52 -11.90
C VAL B 5 -12.03 -7.77 -11.25
N TYR B 6 -11.47 -6.84 -12.02
CA TYR B 6 -10.41 -5.91 -11.57
C TYR B 6 -11.05 -4.58 -11.20
N CYS B 7 -10.84 -4.11 -9.97
CA CYS B 7 -11.54 -2.90 -9.46
C CYS B 7 -10.80 -2.33 -8.26
N ALA B 8 -11.24 -1.13 -7.87
CA ALA B 8 -10.70 -0.23 -6.85
C ALA B 8 -10.48 -0.98 -5.53
N ALA B 9 -9.32 -0.75 -4.97
CA ALA B 9 -8.88 -1.30 -3.67
C ALA B 9 -9.07 -0.31 -2.51
N SER B 10 -9.38 0.97 -2.74
CA SER B 10 -9.32 2.02 -1.67
CA SER B 10 -9.32 2.01 -1.66
C SER B 10 -10.64 2.75 -1.46
N PRO B 11 -11.18 3.54 -2.42
CA PRO B 11 -12.31 4.44 -2.14
C PRO B 11 -13.66 3.79 -1.83
N THR B 12 -14.56 4.52 -1.17
CA THR B 12 -15.88 3.96 -0.77
C THR B 12 -17.02 4.78 -1.35
N HIS B 13 -16.77 5.50 -2.45
CA HIS B 13 -17.81 6.25 -3.18
C HIS B 13 -19.02 5.33 -3.42
N ALA B 14 -20.23 5.80 -3.16
CA ALA B 14 -21.44 4.96 -3.24
C ALA B 14 -21.63 4.48 -4.69
N GLU B 15 -21.38 5.32 -5.70
CA GLU B 15 -21.56 4.93 -7.12
C GLU B 15 -20.64 3.73 -7.42
N LEU B 16 -19.43 3.71 -6.85
CA LEU B 16 -18.40 2.65 -7.05
C LEU B 16 -18.83 1.36 -6.35
N LEU B 17 -19.20 1.42 -5.06
CA LEU B 17 -19.62 0.20 -4.30
C LEU B 17 -20.89 -0.38 -4.92
N GLU B 18 -21.79 0.47 -5.37
CA GLU B 18 -23.05 0.02 -6.03
C GLU B 18 -22.73 -0.68 -7.34
N LEU B 19 -21.89 -0.09 -8.19
CA LEU B 19 -21.45 -0.75 -9.45
C LEU B 19 -20.86 -2.12 -9.13
N ALA B 20 -19.94 -2.19 -8.19
CA ALA B 20 -19.21 -3.43 -7.90
C ALA B 20 -20.23 -4.47 -7.43
N ALA B 21 -21.12 -4.08 -6.52
CA ALA B 21 -22.16 -5.00 -6.00
C ALA B 21 -23.05 -5.51 -7.14
N GLU B 22 -23.45 -4.62 -8.06
CA GLU B 22 -24.32 -4.95 -9.21
C GLU B 22 -23.62 -6.00 -10.07
N VAL B 23 -22.31 -5.81 -10.33
CA VAL B 23 -21.50 -6.76 -11.15
C VAL B 23 -21.40 -8.11 -10.45
N GLY B 24 -21.10 -8.14 -9.15
CA GLY B 24 -21.00 -9.41 -8.42
C GLY B 24 -22.32 -10.19 -8.45
N ALA B 25 -23.42 -9.50 -8.16
CA ALA B 25 -24.78 -10.08 -8.17
C ALA B 25 -25.10 -10.64 -9.57
N ALA B 26 -24.73 -9.96 -10.64
CA ALA B 26 -25.03 -10.39 -12.02
C ALA B 26 -24.23 -11.62 -12.42
N ILE B 27 -22.95 -11.65 -12.09
CA ILE B 27 -22.07 -12.82 -12.33
C ILE B 27 -22.68 -14.04 -11.61
N ALA B 28 -23.01 -13.90 -10.33
CA ALA B 28 -23.64 -15.00 -9.54
C ALA B 28 -24.96 -15.42 -10.20
N GLY B 29 -25.75 -14.47 -10.66
CA GLY B 29 -27.05 -14.73 -11.30
C GLY B 29 -26.95 -15.58 -12.56
N ARG B 30 -25.81 -15.51 -13.29
CA ARG B 30 -25.55 -16.35 -14.49
C ARG B 30 -25.04 -17.74 -14.07
N GLY B 31 -24.79 -18.01 -12.79
CA GLY B 31 -24.13 -19.25 -12.35
C GLY B 31 -22.62 -19.27 -12.65
N TRP B 32 -22.02 -18.11 -12.91
CA TRP B 32 -20.57 -17.98 -13.19
C TRP B 32 -19.76 -17.83 -11.88
N THR B 33 -18.51 -18.24 -11.93
CA THR B 33 -17.52 -18.05 -10.85
C THR B 33 -16.90 -16.65 -10.99
N LEU B 34 -16.76 -15.96 -9.86
CA LEU B 34 -16.05 -14.68 -9.73
C LEU B 34 -14.64 -14.99 -9.30
N VAL B 35 -13.67 -14.52 -10.07
CA VAL B 35 -12.24 -14.40 -9.65
C VAL B 35 -11.97 -12.92 -9.34
N TRP B 36 -11.34 -12.63 -8.21
CA TRP B 36 -10.96 -11.24 -7.87
C TRP B 36 -9.69 -11.22 -7.02
N GLY B 37 -9.16 -10.04 -6.77
CA GLY B 37 -7.87 -9.86 -6.04
C GLY B 37 -7.95 -10.22 -4.56
N GLY B 38 -9.11 -10.67 -4.05
CA GLY B 38 -9.18 -11.39 -2.76
C GLY B 38 -9.25 -10.47 -1.57
N GLY B 39 -9.52 -9.19 -1.78
CA GLY B 39 -9.59 -8.17 -0.71
C GLY B 39 -11.01 -7.89 -0.29
N HIS B 40 -11.21 -7.44 0.94
CA HIS B 40 -12.55 -7.15 1.53
C HIS B 40 -12.85 -5.65 1.54
N VAL B 41 -11.97 -4.79 1.01
CA VAL B 41 -12.10 -3.30 1.06
C VAL B 41 -12.66 -2.76 -0.27
N SER B 42 -13.39 -1.64 -0.26
CA SER B 42 -13.70 -0.86 -1.49
C SER B 42 -14.51 -1.73 -2.47
N ALA B 43 -14.36 -1.50 -3.77
CA ALA B 43 -15.05 -2.24 -4.84
C ALA B 43 -14.75 -3.75 -4.75
N MET B 44 -13.49 -4.12 -4.47
CA MET B 44 -13.08 -5.55 -4.35
C MET B 44 -13.98 -6.27 -3.33
N GLY B 45 -14.19 -5.71 -2.15
CA GLY B 45 -15.00 -6.39 -1.11
C GLY B 45 -16.46 -6.52 -1.54
N ALA B 46 -16.99 -5.45 -2.13
CA ALA B 46 -18.40 -5.37 -2.58
C ALA B 46 -18.66 -6.34 -3.72
N VAL B 47 -17.77 -6.46 -4.72
CA VAL B 47 -18.04 -7.41 -5.82
C VAL B 47 -18.14 -8.83 -5.24
N ALA B 48 -17.25 -9.22 -4.35
CA ALA B 48 -17.22 -10.63 -3.92
C ALA B 48 -18.34 -10.90 -2.92
N SER B 49 -18.52 -10.00 -1.97
CA SER B 49 -19.58 -10.12 -0.94
C SER B 49 -20.94 -10.21 -1.65
N ALA B 50 -21.17 -9.40 -2.68
CA ALA B 50 -22.46 -9.42 -3.43
C ALA B 50 -22.60 -10.72 -4.23
N ALA B 51 -21.54 -11.24 -4.89
CA ALA B 51 -21.56 -12.54 -5.59
C ALA B 51 -21.97 -13.64 -4.59
N ARG B 52 -21.31 -13.76 -3.43
CA ARG B 52 -21.61 -14.82 -2.42
C ARG B 52 -23.06 -14.66 -1.92
N ALA B 53 -23.51 -13.43 -1.67
CA ALA B 53 -24.89 -13.13 -1.21
C ALA B 53 -25.94 -13.70 -2.18
N CYS B 54 -25.65 -13.67 -3.48
CA CYS B 54 -26.55 -14.17 -4.56
C CYS B 54 -26.21 -15.61 -4.94
N GLY B 55 -25.46 -16.31 -4.10
CA GLY B 55 -25.19 -17.75 -4.23
C GLY B 55 -24.02 -18.08 -5.15
N GLY B 56 -23.21 -17.08 -5.51
CA GLY B 56 -22.08 -17.29 -6.43
C GLY B 56 -20.84 -17.78 -5.72
N TRP B 57 -20.00 -18.52 -6.43
CA TRP B 57 -18.67 -18.97 -5.97
C TRP B 57 -17.61 -17.87 -6.21
N THR B 58 -16.75 -17.63 -5.22
CA THR B 58 -15.74 -16.55 -5.25
C THR B 58 -14.36 -17.16 -5.03
N VAL B 59 -13.44 -16.87 -5.96
CA VAL B 59 -12.00 -17.25 -5.87
C VAL B 59 -11.19 -15.96 -5.77
N GLY B 60 -10.59 -15.74 -4.60
CA GLY B 60 -9.70 -14.63 -4.28
C GLY B 60 -8.24 -15.04 -4.48
N VAL B 61 -7.50 -14.22 -5.20
CA VAL B 61 -6.04 -14.43 -5.42
C VAL B 61 -5.30 -13.19 -4.96
N ILE B 62 -4.46 -13.31 -3.94
CA ILE B 62 -3.90 -12.16 -3.19
C ILE B 62 -2.43 -12.48 -2.86
N PRO B 63 -1.51 -11.52 -3.02
CA PRO B 63 -0.10 -11.76 -2.70
C PRO B 63 0.10 -11.68 -1.17
N LYS B 64 1.08 -12.41 -0.66
CA LYS B 64 1.40 -12.41 0.81
C LYS B 64 1.45 -10.98 1.37
N MET B 65 2.13 -10.06 0.67
CA MET B 65 2.39 -8.71 1.21
C MET B 65 1.06 -8.03 1.58
N LEU B 66 -0.04 -8.33 0.87
CA LEU B 66 -1.37 -7.78 1.24
C LEU B 66 -2.02 -8.60 2.36
N VAL B 67 -1.80 -9.91 2.42
CA VAL B 67 -2.28 -10.72 3.58
C VAL B 67 -1.66 -10.14 4.86
N TYR B 68 -0.39 -9.74 4.82
CA TYR B 68 0.29 -9.16 6.01
C TYR B 68 -0.46 -7.94 6.55
N ARG B 69 -1.16 -7.23 5.68
CA ARG B 69 -1.82 -5.92 5.97
C ARG B 69 -3.28 -6.16 6.33
N GLU B 70 -3.67 -7.42 6.57
CA GLU B 70 -5.04 -7.82 7.00
C GLU B 70 -6.05 -7.42 5.93
N LEU B 71 -5.68 -7.50 4.66
CA LEU B 71 -6.58 -7.12 3.54
C LEU B 71 -7.29 -8.34 2.96
N ALA B 72 -6.97 -9.56 3.37
CA ALA B 72 -7.52 -10.79 2.73
C ALA B 72 -8.97 -10.98 3.19
N ASP B 73 -9.83 -11.35 2.24
CA ASP B 73 -11.24 -11.70 2.46
C ASP B 73 -11.28 -13.17 2.84
N HIS B 74 -11.35 -13.47 4.14
CA HIS B 74 -11.32 -14.88 4.61
C HIS B 74 -12.66 -15.57 4.34
N ASP B 75 -13.67 -14.87 3.81
CA ASP B 75 -14.93 -15.52 3.34
C ASP B 75 -14.87 -15.89 1.85
N ALA B 76 -13.73 -15.72 1.16
CA ALA B 76 -13.51 -16.31 -0.18
C ALA B 76 -13.85 -17.81 -0.11
N ASP B 77 -14.59 -18.31 -1.09
CA ASP B 77 -14.90 -19.76 -1.22
C ASP B 77 -13.59 -20.49 -1.46
N GLU B 78 -12.68 -19.89 -2.25
CA GLU B 78 -11.27 -20.33 -2.40
C GLU B 78 -10.38 -19.11 -2.28
N LEU B 79 -9.41 -19.13 -1.38
CA LEU B 79 -8.43 -18.03 -1.26
C LEU B 79 -7.08 -18.60 -1.65
N ILE B 80 -6.46 -18.00 -2.67
CA ILE B 80 -5.12 -18.38 -3.16
C ILE B 80 -4.15 -17.25 -2.77
N VAL B 81 -3.17 -17.56 -1.90
CA VAL B 81 -2.15 -16.58 -1.46
C VAL B 81 -0.88 -16.87 -2.28
N THR B 82 -0.39 -15.89 -3.02
CA THR B 82 0.79 -16.05 -3.90
C THR B 82 1.96 -15.37 -3.23
N ASP B 83 3.19 -15.77 -3.54
CA ASP B 83 4.40 -15.05 -3.05
C ASP B 83 4.55 -13.70 -3.77
N THR B 84 4.17 -13.60 -5.05
CA THR B 84 4.44 -12.37 -5.85
C THR B 84 3.17 -11.81 -6.52
N MET B 85 3.27 -10.58 -7.02
CA MET B 85 2.24 -9.93 -7.85
C MET B 85 2.18 -10.60 -9.23
N TRP B 86 3.32 -11.02 -9.81
CA TRP B 86 3.28 -11.65 -11.16
C TRP B 86 2.50 -12.97 -11.09
N GLU B 87 2.71 -13.77 -10.04
CA GLU B 87 1.95 -15.03 -9.85
C GLU B 87 0.47 -14.73 -9.61
N ARG B 88 0.13 -13.69 -8.84
CA ARG B 88 -1.30 -13.36 -8.59
C ARG B 88 -2.00 -13.11 -9.93
N LYS B 89 -1.40 -12.28 -10.77
CA LYS B 89 -2.02 -11.88 -12.05
C LYS B 89 -2.10 -13.08 -12.97
N GLN B 90 -1.09 -13.94 -12.96
CA GLN B 90 -1.05 -15.12 -13.87
C GLN B 90 -2.12 -16.12 -13.47
N ILE B 91 -2.30 -16.36 -12.19
CA ILE B 91 -3.34 -17.31 -11.69
C ILE B 91 -4.73 -16.74 -12.00
N MET B 92 -4.95 -15.44 -11.80
CA MET B 92 -6.31 -14.88 -12.05
C MET B 92 -6.60 -15.04 -13.56
N GLU B 93 -5.60 -14.81 -14.42
CA GLU B 93 -5.82 -14.96 -15.88
C GLU B 93 -6.14 -16.43 -16.25
N ASP B 94 -5.35 -17.37 -15.76
CA ASP B 94 -5.38 -18.82 -16.09
C ASP B 94 -6.74 -19.40 -15.67
N ARG B 95 -7.28 -18.95 -14.54
CA ARG B 95 -8.56 -19.43 -13.97
C ARG B 95 -9.76 -18.85 -14.72
N SER B 96 -9.60 -17.75 -15.45
CA SER B 96 -10.72 -16.91 -15.95
C SER B 96 -10.91 -17.07 -17.46
N ASP B 97 -12.16 -16.91 -17.90
CA ASP B 97 -12.60 -17.00 -19.31
C ASP B 97 -12.82 -15.59 -19.91
N ALA B 98 -12.96 -14.60 -19.03
CA ALA B 98 -13.23 -13.20 -19.39
C ALA B 98 -12.80 -12.28 -18.24
N PHE B 99 -12.59 -11.02 -18.55
CA PHE B 99 -12.11 -9.99 -17.61
C PHE B 99 -13.03 -8.81 -17.65
N ILE B 100 -13.45 -8.38 -16.46
CA ILE B 100 -14.17 -7.08 -16.30
C ILE B 100 -13.24 -6.12 -15.55
N VAL B 101 -13.14 -4.90 -16.05
CA VAL B 101 -12.37 -3.80 -15.43
C VAL B 101 -13.38 -2.73 -15.04
N LEU B 102 -13.46 -2.47 -13.74
CA LEU B 102 -14.24 -1.37 -13.15
C LEU B 102 -13.30 -0.23 -12.76
N PRO B 103 -13.84 0.94 -12.41
CA PRO B 103 -13.04 2.06 -11.92
C PRO B 103 -12.07 1.65 -10.80
N GLY B 104 -10.81 2.10 -10.94
CA GLY B 104 -9.76 1.82 -10.00
C GLY B 104 -8.62 2.78 -10.21
N GLY B 105 -7.57 2.48 -9.47
CA GLY B 105 -6.32 3.25 -9.45
C GLY B 105 -5.22 2.41 -10.06
N VAL B 106 -4.03 2.57 -9.54
CA VAL B 106 -2.77 2.07 -10.17
C VAL B 106 -2.86 0.54 -10.28
N GLY B 107 -3.27 -0.14 -9.21
CA GLY B 107 -3.45 -1.61 -9.17
C GLY B 107 -4.39 -2.11 -10.25
N THR B 108 -5.48 -1.41 -10.44
CA THR B 108 -6.47 -1.75 -11.51
C THR B 108 -5.89 -1.49 -12.90
N LEU B 109 -5.17 -0.37 -13.08
CA LEU B 109 -4.55 -0.08 -14.40
C LEU B 109 -3.48 -1.15 -14.70
N ASP B 110 -2.77 -1.63 -13.69
CA ASP B 110 -1.75 -2.69 -13.87
C ASP B 110 -2.45 -3.92 -14.43
N GLU B 111 -3.55 -4.33 -13.78
CA GLU B 111 -4.35 -5.50 -14.24
C GLU B 111 -4.88 -5.32 -15.67
N LEU B 112 -5.43 -4.14 -15.99
CA LEU B 112 -5.97 -3.78 -17.31
C LEU B 112 -4.87 -3.90 -18.36
N PHE B 113 -3.72 -3.28 -18.13
CA PHE B 113 -2.66 -3.16 -19.19
C PHE B 113 -2.01 -4.53 -19.39
N ASP B 114 -1.86 -5.29 -18.31
CA ASP B 114 -1.29 -6.67 -18.30
C ASP B 114 -2.17 -7.55 -19.20
N ALA B 115 -3.47 -7.56 -18.98
CA ALA B 115 -4.43 -8.36 -19.76
C ALA B 115 -4.46 -7.84 -21.20
N TRP B 116 -4.47 -6.54 -21.39
CA TRP B 116 -4.59 -5.95 -22.74
C TRP B 116 -3.39 -6.36 -23.60
N THR B 117 -2.20 -6.30 -23.03
CA THR B 117 -0.96 -6.69 -23.77
C THR B 117 -1.02 -8.19 -24.10
N ASP B 118 -1.32 -9.06 -23.16
CA ASP B 118 -1.50 -10.53 -23.36
C ASP B 118 -2.49 -10.72 -24.52
N GLY B 119 -3.59 -9.96 -24.53
CA GLY B 119 -4.66 -10.05 -25.53
C GLY B 119 -4.17 -9.62 -26.89
N TYR B 120 -3.65 -8.40 -26.99
CA TYR B 120 -3.09 -7.82 -28.23
C TYR B 120 -1.97 -8.69 -28.81
N LEU B 121 -1.11 -9.31 -28.00
CA LEU B 121 0.01 -10.17 -28.49
C LEU B 121 -0.44 -11.62 -28.77
N GLY B 122 -1.76 -11.89 -28.76
CA GLY B 122 -2.35 -13.14 -29.25
C GLY B 122 -2.21 -14.29 -28.25
N THR B 123 -1.80 -14.02 -27.02
CA THR B 123 -1.75 -15.05 -25.96
C THR B 123 -3.16 -15.66 -25.82
N HIS B 124 -4.22 -14.86 -25.90
CA HIS B 124 -5.62 -15.35 -25.69
C HIS B 124 -6.62 -14.44 -26.38
N ASP B 125 -7.84 -14.93 -26.56
CA ASP B 125 -8.96 -14.18 -27.17
C ASP B 125 -10.05 -14.01 -26.12
N LYS B 126 -9.68 -14.04 -24.83
CA LYS B 126 -10.64 -13.79 -23.74
C LYS B 126 -11.10 -12.35 -23.81
N PRO B 127 -12.43 -12.10 -23.68
CA PRO B 127 -12.93 -10.75 -23.64
C PRO B 127 -12.32 -9.97 -22.46
N ILE B 128 -11.97 -8.71 -22.73
CA ILE B 128 -11.53 -7.71 -21.74
C ILE B 128 -12.51 -6.55 -21.89
N VAL B 129 -13.33 -6.35 -20.87
CA VAL B 129 -14.53 -5.50 -20.93
C VAL B 129 -14.43 -4.46 -19.83
N MET B 130 -14.24 -3.23 -20.25
CA MET B 130 -14.22 -2.09 -19.31
C MET B 130 -15.67 -1.63 -19.09
N VAL B 131 -16.05 -1.47 -17.83
CA VAL B 131 -17.41 -1.07 -17.42
C VAL B 131 -17.30 0.30 -16.77
N ASP B 132 -17.76 1.34 -17.45
CA ASP B 132 -17.55 2.74 -17.00
C ASP B 132 -18.85 3.54 -17.13
N PRO B 133 -19.76 3.46 -16.13
CA PRO B 133 -21.05 4.16 -16.21
C PRO B 133 -20.98 5.69 -16.24
N TRP B 134 -19.98 6.30 -15.59
CA TRP B 134 -19.91 7.75 -15.34
C TRP B 134 -18.64 8.43 -15.90
N GLY B 135 -17.85 7.76 -16.73
CA GLY B 135 -16.69 8.43 -17.40
C GLY B 135 -15.41 8.43 -16.56
N HIS B 136 -15.29 7.54 -15.57
CA HIS B 136 -14.05 7.45 -14.76
C HIS B 136 -12.81 7.44 -15.68
N PHE B 137 -12.86 6.65 -16.77
CA PHE B 137 -11.68 6.35 -17.64
C PHE B 137 -11.68 7.30 -18.86
N ASP B 138 -12.58 8.28 -18.95
CA ASP B 138 -12.65 9.12 -20.17
C ASP B 138 -11.29 9.77 -20.51
N GLY B 139 -10.65 10.40 -19.52
CA GLY B 139 -9.34 11.07 -19.68
C GLY B 139 -8.31 10.09 -20.18
N LEU B 140 -8.33 8.86 -19.70
CA LEU B 140 -7.35 7.82 -20.15
C LEU B 140 -7.65 7.42 -21.61
N ARG B 141 -8.90 7.17 -21.96
CA ARG B 141 -9.21 6.72 -23.34
C ARG B 141 -8.96 7.85 -24.34
N ALA B 142 -9.24 9.09 -23.98
CA ALA B 142 -9.06 10.28 -24.83
C ALA B 142 -7.57 10.41 -25.17
N TRP B 143 -6.74 10.26 -24.13
CA TRP B 143 -5.27 10.31 -24.28
C TRP B 143 -4.80 9.14 -25.17
N LEU B 144 -5.29 7.93 -24.96
CA LEU B 144 -4.95 6.76 -25.82
C LEU B 144 -5.35 7.04 -27.27
N ASN B 145 -6.49 7.69 -27.51
CA ASN B 145 -6.95 8.00 -28.89
C ASN B 145 -5.94 8.96 -29.56
N GLY B 146 -5.33 9.88 -28.81
CA GLY B 146 -4.16 10.67 -29.28
C GLY B 146 -2.94 9.83 -29.66
N LEU B 147 -2.59 8.82 -28.87
CA LEU B 147 -1.48 7.88 -29.19
C LEU B 147 -1.80 7.06 -30.44
N LEU B 148 -3.06 6.67 -30.62
CA LEU B 148 -3.48 5.93 -31.83
C LEU B 148 -3.22 6.83 -33.04
N ASP B 149 -3.60 8.08 -32.94
CA ASP B 149 -3.47 9.06 -34.03
C ASP B 149 -2.00 9.28 -34.44
N THR B 150 -1.06 9.23 -33.49
CA THR B 150 0.37 9.51 -33.73
C THR B 150 1.21 8.23 -33.87
N GLY B 151 0.56 7.08 -33.88
CA GLY B 151 1.22 5.81 -34.21
C GLY B 151 1.92 5.18 -33.02
N TYR B 152 1.66 5.62 -31.78
CA TYR B 152 2.18 4.90 -30.58
C TYR B 152 1.34 3.69 -30.20
N VAL B 153 0.04 3.71 -30.52
CA VAL B 153 -0.91 2.57 -30.32
C VAL B 153 -1.56 2.20 -31.67
N SER B 154 -1.66 0.89 -31.97
CA SER B 154 -2.24 0.37 -33.25
C SER B 154 -3.75 0.25 -33.17
N PRO B 155 -4.44 0.34 -34.32
CA PRO B 155 -5.89 0.12 -34.36
C PRO B 155 -6.23 -1.28 -33.83
N THR B 156 -5.38 -2.28 -34.11
CA THR B 156 -5.62 -3.64 -33.61
C THR B 156 -5.66 -3.57 -32.06
N ALA B 157 -4.66 -2.97 -31.41
CA ALA B 157 -4.61 -2.89 -29.92
C ALA B 157 -5.87 -2.19 -29.39
N MET B 158 -6.27 -1.04 -29.93
CA MET B 158 -7.44 -0.27 -29.43
C MET B 158 -8.73 -1.12 -29.54
N GLU B 159 -8.91 -1.93 -30.58
CA GLU B 159 -10.15 -2.73 -30.75
C GLU B 159 -10.13 -3.99 -29.90
N ARG B 160 -9.05 -4.30 -29.19
CA ARG B 160 -8.93 -5.57 -28.41
C ARG B 160 -9.78 -5.41 -27.13
N LEU B 161 -10.00 -4.18 -26.67
CA LEU B 161 -10.71 -3.81 -25.42
C LEU B 161 -12.14 -3.46 -25.80
N VAL B 162 -13.11 -4.03 -25.10
CA VAL B 162 -14.53 -3.63 -25.21
C VAL B 162 -14.84 -2.65 -24.09
N VAL B 163 -15.52 -1.54 -24.38
CA VAL B 163 -15.92 -0.55 -23.36
C VAL B 163 -17.43 -0.42 -23.38
N VAL B 164 -18.07 -0.54 -22.21
CA VAL B 164 -19.54 -0.44 -22.03
C VAL B 164 -19.85 0.46 -20.83
N ASP B 165 -21.07 1.00 -20.75
CA ASP B 165 -21.46 1.92 -19.67
C ASP B 165 -22.43 1.24 -18.71
N ASN B 166 -22.70 -0.06 -18.87
CA ASN B 166 -23.71 -0.76 -18.04
C ASN B 166 -23.37 -2.24 -17.89
N VAL B 167 -23.91 -2.85 -16.82
CA VAL B 167 -23.62 -4.25 -16.41
C VAL B 167 -24.24 -5.25 -17.40
N LYS B 168 -25.45 -5.01 -17.90
CA LYS B 168 -26.09 -5.96 -18.84
C LYS B 168 -25.22 -6.15 -20.10
N ASP B 169 -24.73 -5.06 -20.70
CA ASP B 169 -23.90 -5.12 -21.93
C ASP B 169 -22.55 -5.75 -21.60
N ALA B 170 -22.06 -5.54 -20.38
CA ALA B 170 -20.76 -6.06 -19.91
C ALA B 170 -20.82 -7.57 -19.85
N LEU B 171 -21.89 -8.13 -19.29
CA LEU B 171 -22.01 -9.62 -19.18
C LEU B 171 -22.29 -10.22 -20.57
N ARG B 172 -23.06 -9.53 -21.41
CA ARG B 172 -23.28 -9.94 -22.81
C ARG B 172 -21.91 -10.12 -23.46
N ALA B 173 -20.98 -9.18 -23.25
CA ALA B 173 -19.64 -9.18 -23.91
C ALA B 173 -18.72 -10.24 -23.29
N CYS B 174 -19.00 -10.67 -22.06
CA CYS B 174 -18.21 -11.70 -21.34
C CYS B 174 -18.69 -13.11 -21.66
N ALA B 175 -19.95 -13.26 -22.08
CA ALA B 175 -20.64 -14.57 -22.23
C ALA B 175 -19.90 -15.46 -23.22
N PRO B 176 -19.92 -16.79 -23.02
CA PRO B 176 -19.32 -17.74 -23.95
C PRO B 176 -19.95 -17.50 -25.32
N SER B 177 -19.15 -17.42 -26.38
CA SER B 177 -19.60 -16.91 -27.70
C SER B 177 -19.20 -17.92 -28.78
N TRP C 1 17.42 -0.43 20.65
CA TRP C 1 16.81 -1.61 21.30
C TRP C 1 16.46 -2.63 20.21
N THR C 2 16.79 -3.88 20.45
CA THR C 2 16.76 -4.95 19.43
C THR C 2 15.93 -6.11 19.99
N VAL C 3 14.95 -6.56 19.22
CA VAL C 3 14.13 -7.73 19.65
C VAL C 3 14.36 -8.85 18.64
N ALA C 4 14.71 -10.02 19.12
CA ALA C 4 14.81 -11.24 18.28
C ALA C 4 13.42 -11.88 18.23
N VAL C 5 13.00 -12.32 17.04
CA VAL C 5 11.71 -13.01 16.88
C VAL C 5 12.00 -14.40 16.37
N TYR C 6 11.65 -15.39 17.17
CA TYR C 6 11.76 -16.82 16.82
C TYR C 6 10.38 -17.30 16.39
N CYS C 7 10.24 -17.86 15.19
CA CYS C 7 8.89 -18.18 14.66
C CYS C 7 8.93 -19.20 13.53
N ALA C 8 7.74 -19.66 13.10
CA ALA C 8 7.59 -20.78 12.16
C ALA C 8 8.40 -20.53 10.87
N ALA C 9 9.00 -21.61 10.37
CA ALA C 9 9.78 -21.59 9.11
C ALA C 9 8.98 -22.21 7.97
N SER C 10 7.86 -22.90 8.23
CA SER C 10 7.28 -23.83 7.23
CA SER C 10 7.28 -23.83 7.23
C SER C 10 5.87 -23.41 6.80
N PRO C 11 4.83 -23.50 7.68
CA PRO C 11 3.46 -23.41 7.20
C PRO C 11 3.03 -22.00 6.79
N THR C 12 1.97 -21.90 5.98
CA THR C 12 1.51 -20.62 5.37
C THR C 12 0.15 -20.18 5.89
N HIS C 13 -0.35 -20.78 6.97
CA HIS C 13 -1.64 -20.39 7.61
C HIS C 13 -1.79 -18.86 7.60
N ALA C 14 -2.88 -18.34 7.03
CA ALA C 14 -3.15 -16.88 6.97
C ALA C 14 -2.98 -16.25 8.35
N GLU C 15 -3.42 -16.93 9.39
CA GLU C 15 -3.55 -16.37 10.76
C GLU C 15 -2.14 -16.20 11.34
N LEU C 16 -1.24 -17.11 10.92
CA LEU C 16 0.16 -17.12 11.37
C LEU C 16 0.88 -15.95 10.68
N LEU C 17 0.70 -15.76 9.38
CA LEU C 17 1.31 -14.65 8.61
C LEU C 17 0.85 -13.33 9.19
N GLU C 18 -0.45 -13.21 9.53
CA GLU C 18 -1.05 -11.98 10.07
C GLU C 18 -0.42 -11.66 11.43
N LEU C 19 -0.30 -12.66 12.32
CA LEU C 19 0.30 -12.44 13.66
C LEU C 19 1.77 -11.99 13.52
N ALA C 20 2.56 -12.71 12.73
CA ALA C 20 3.99 -12.40 12.53
C ALA C 20 4.14 -10.98 11.99
N ALA C 21 3.36 -10.62 10.97
CA ALA C 21 3.38 -9.26 10.38
C ALA C 21 3.04 -8.21 11.45
N GLU C 22 2.05 -8.49 12.29
CA GLU C 22 1.62 -7.57 13.37
C GLU C 22 2.79 -7.35 14.33
N VAL C 23 3.54 -8.42 14.61
CA VAL C 23 4.71 -8.32 15.52
C VAL C 23 5.76 -7.46 14.85
N GLY C 24 6.14 -7.79 13.61
CA GLY C 24 7.18 -7.04 12.90
C GLY C 24 6.85 -5.57 12.77
N ALA C 25 5.59 -5.24 12.47
CA ALA C 25 5.12 -3.85 12.31
C ALA C 25 5.25 -3.11 13.65
N ALA C 26 4.88 -3.77 14.75
CA ALA C 26 4.86 -3.20 16.12
C ALA C 26 6.30 -2.93 16.54
N ILE C 27 7.23 -3.86 16.27
CA ILE C 27 8.66 -3.67 16.60
C ILE C 27 9.20 -2.44 15.86
N ALA C 28 8.95 -2.35 14.55
CA ALA C 28 9.40 -1.22 13.70
C ALA C 28 8.78 0.08 14.23
N GLY C 29 7.52 0.01 14.70
CA GLY C 29 6.75 1.16 15.18
C GLY C 29 7.43 1.84 16.34
N ARG C 30 8.11 1.05 17.19
CA ARG C 30 8.83 1.53 18.39
C ARG C 30 10.20 2.08 17.99
N GLY C 31 10.61 1.94 16.74
CA GLY C 31 11.99 2.23 16.32
C GLY C 31 12.99 1.20 16.81
N TRP C 32 12.53 -0.02 17.09
CA TRP C 32 13.38 -1.15 17.51
C TRP C 32 13.89 -1.88 16.26
N THR C 33 15.08 -2.43 16.37
CA THR C 33 15.68 -3.32 15.34
C THR C 33 15.05 -4.70 15.53
N LEU C 34 14.74 -5.36 14.41
CA LEU C 34 14.32 -6.78 14.39
C LEU C 34 15.55 -7.66 14.12
N VAL C 35 15.78 -8.64 14.99
CA VAL C 35 16.68 -9.79 14.70
C VAL C 35 15.79 -11.00 14.42
N TRP C 36 16.09 -11.74 13.36
CA TRP C 36 15.38 -13.00 13.05
C TRP C 36 16.28 -13.96 12.28
N GLY C 37 15.79 -15.18 12.05
CA GLY C 37 16.55 -16.27 11.41
C GLY C 37 16.81 -16.03 9.92
N GLY C 38 16.45 -14.85 9.39
CA GLY C 38 16.82 -14.47 8.01
C GLY C 38 16.06 -15.15 6.91
N GLY C 39 14.97 -15.85 7.21
CA GLY C 39 14.22 -16.62 6.22
C GLY C 39 13.15 -15.77 5.57
N HIS C 40 12.79 -16.07 4.32
CA HIS C 40 11.69 -15.36 3.62
C HIS C 40 10.42 -16.18 3.63
N VAL C 41 10.45 -17.38 4.17
CA VAL C 41 9.27 -18.29 4.16
C VAL C 41 8.44 -18.13 5.46
N SER C 42 7.13 -18.30 5.32
CA SER C 42 6.21 -18.50 6.47
C SER C 42 6.30 -17.28 7.41
N ALA C 43 6.19 -17.49 8.72
CA ALA C 43 6.16 -16.40 9.72
C ALA C 43 7.47 -15.62 9.67
N MET C 44 8.60 -16.28 9.40
CA MET C 44 9.92 -15.58 9.30
C MET C 44 9.85 -14.48 8.23
N GLY C 45 9.37 -14.82 7.04
CA GLY C 45 9.24 -13.83 5.96
C GLY C 45 8.30 -12.70 6.35
N ALA C 46 7.20 -13.05 7.00
CA ALA C 46 6.14 -12.11 7.40
C ALA C 46 6.66 -11.07 8.39
N VAL C 47 7.38 -11.54 9.44
CA VAL C 47 7.82 -10.59 10.51
C VAL C 47 8.82 -9.58 9.90
N ALA C 48 9.73 -10.02 9.05
CA ALA C 48 10.80 -9.14 8.52
C ALA C 48 10.21 -8.20 7.45
N SER C 49 9.35 -8.74 6.61
CA SER C 49 8.75 -7.95 5.49
C SER C 49 7.91 -6.80 6.08
N ALA C 50 7.18 -7.05 7.19
CA ALA C 50 6.30 -6.07 7.85
C ALA C 50 7.13 -5.04 8.61
N ALA C 51 8.19 -5.43 9.31
CA ALA C 51 9.13 -4.49 9.95
C ALA C 51 9.68 -3.51 8.89
N ARG C 52 10.15 -4.03 7.77
CA ARG C 52 10.79 -3.18 6.74
C ARG C 52 9.72 -2.26 6.12
N ALA C 53 8.50 -2.75 5.95
CA ALA C 53 7.41 -1.97 5.31
C ALA C 53 7.05 -0.79 6.22
N CYS C 54 7.30 -0.91 7.53
CA CYS C 54 7.06 0.19 8.51
C CYS C 54 8.36 0.92 8.84
N GLY C 55 9.41 0.78 8.03
CA GLY C 55 10.68 1.53 8.13
C GLY C 55 11.66 0.96 9.14
N GLY C 56 11.40 -0.23 9.68
CA GLY C 56 12.30 -0.85 10.67
C GLY C 56 13.51 -1.50 10.03
N TRP C 57 14.62 -1.53 10.78
CA TRP C 57 15.88 -2.19 10.36
C TRP C 57 15.77 -3.69 10.67
N THR C 58 16.18 -4.54 9.71
CA THR C 58 16.07 -6.00 9.88
C THR C 58 17.44 -6.65 9.74
N VAL C 59 17.77 -7.48 10.72
CA VAL C 59 19.04 -8.22 10.83
C VAL C 59 18.72 -9.71 10.78
N GLY C 60 19.04 -10.38 9.68
CA GLY C 60 18.86 -11.82 9.49
C GLY C 60 20.12 -12.56 9.80
N VAL C 61 20.02 -13.64 10.57
CA VAL C 61 21.20 -14.43 10.96
C VAL C 61 20.88 -15.84 10.58
N ILE C 62 21.65 -16.40 9.62
CA ILE C 62 21.27 -17.66 8.96
C ILE C 62 22.52 -18.49 8.68
N PRO C 63 22.50 -19.81 8.94
CA PRO C 63 23.64 -20.65 8.63
C PRO C 63 23.72 -20.92 7.12
N LYS C 64 24.95 -21.04 6.63
CA LYS C 64 25.25 -21.27 5.19
C LYS C 64 24.37 -22.40 4.66
N MET C 65 24.24 -23.52 5.39
CA MET C 65 23.46 -24.68 4.93
C MET C 65 22.05 -24.26 4.49
N LEU C 66 21.38 -23.34 5.19
CA LEU C 66 20.04 -22.87 4.80
C LEU C 66 20.11 -21.89 3.61
N VAL C 67 21.14 -21.05 3.55
CA VAL C 67 21.33 -20.12 2.38
C VAL C 67 21.44 -20.99 1.11
N TYR C 68 22.13 -22.12 1.17
CA TYR C 68 22.26 -23.04 0.02
C TYR C 68 20.90 -23.46 -0.50
N ARG C 69 19.88 -23.55 0.37
CA ARG C 69 18.56 -24.08 0.04
C ARG C 69 17.61 -22.97 -0.44
N GLU C 70 18.13 -21.77 -0.77
CA GLU C 70 17.30 -20.66 -1.27
C GLU C 70 16.29 -20.22 -0.20
N LEU C 71 16.71 -20.21 1.06
CA LEU C 71 15.81 -19.84 2.18
C LEU C 71 16.06 -18.41 2.68
N ALA C 72 17.19 -17.78 2.34
CA ALA C 72 17.57 -16.44 2.86
C ALA C 72 16.77 -15.32 2.21
N ASP C 73 16.37 -14.36 3.02
CA ASP C 73 15.70 -13.11 2.61
C ASP C 73 16.75 -12.16 2.03
N HIS C 74 16.78 -12.00 0.70
CA HIS C 74 17.72 -11.10 -0.03
C HIS C 74 17.50 -9.63 0.36
N ASP C 75 16.35 -9.30 0.98
CA ASP C 75 16.00 -7.92 1.35
C ASP C 75 16.26 -7.67 2.85
N ALA C 76 16.93 -8.58 3.56
CA ALA C 76 17.47 -8.28 4.90
C ALA C 76 18.32 -6.99 4.83
N ASP C 77 18.17 -6.10 5.80
CA ASP C 77 19.05 -4.90 5.91
C ASP C 77 20.50 -5.33 6.18
N GLU C 78 20.72 -6.32 7.06
CA GLU C 78 22.02 -7.02 7.25
C GLU C 78 21.69 -8.50 7.19
N LEU C 79 22.39 -9.26 6.35
CA LEU C 79 22.33 -10.74 6.39
C LEU C 79 23.67 -11.25 6.91
N ILE C 80 23.64 -11.85 8.10
CA ILE C 80 24.84 -12.45 8.72
C ILE C 80 24.82 -13.93 8.42
N VAL C 81 25.76 -14.43 7.62
CA VAL C 81 25.76 -15.84 7.19
C VAL C 81 26.76 -16.53 8.09
N THR C 82 26.31 -17.49 8.88
CA THR C 82 27.18 -18.21 9.84
C THR C 82 27.58 -19.58 9.30
N ASP C 83 28.71 -20.11 9.78
CA ASP C 83 29.15 -21.46 9.38
C ASP C 83 28.26 -22.52 10.03
N THR C 84 27.74 -22.26 11.23
CA THR C 84 27.03 -23.28 12.03
C THR C 84 25.75 -22.74 12.67
N MET C 85 24.90 -23.66 13.14
CA MET C 85 23.66 -23.32 13.87
C MET C 85 24.06 -22.71 15.21
N TRP C 86 25.14 -23.20 15.84
CA TRP C 86 25.46 -22.69 17.19
C TRP C 86 25.89 -21.22 17.11
N GLU C 87 26.67 -20.86 16.09
CA GLU C 87 27.11 -19.47 15.87
C GLU C 87 25.88 -18.63 15.54
N ARG C 88 24.95 -19.16 14.77
CA ARG C 88 23.71 -18.39 14.42
C ARG C 88 22.98 -17.99 15.70
N LYS C 89 22.77 -18.95 16.60
CA LYS C 89 21.99 -18.67 17.85
C LYS C 89 22.77 -17.70 18.76
N GLN C 90 24.06 -17.89 18.87
CA GLN C 90 24.95 -17.06 19.72
C GLN C 90 24.86 -15.60 19.22
N ILE C 91 24.97 -15.38 17.91
CA ILE C 91 24.96 -13.99 17.38
C ILE C 91 23.57 -13.36 17.63
N MET C 92 22.47 -14.09 17.38
CA MET C 92 21.08 -13.63 17.61
C MET C 92 20.93 -13.24 19.09
N GLU C 93 21.42 -14.07 20.00
CA GLU C 93 21.33 -13.78 21.48
C GLU C 93 22.13 -12.51 21.79
N ASP C 94 23.37 -12.44 21.30
CA ASP C 94 24.32 -11.36 21.66
C ASP C 94 23.81 -10.02 21.12
N ARG C 95 23.13 -10.02 19.97
CA ARG C 95 22.69 -8.77 19.31
C ARG C 95 21.39 -8.24 19.94
N SER C 96 20.68 -9.04 20.73
CA SER C 96 19.26 -8.76 21.11
C SER C 96 19.11 -8.41 22.60
N ASP C 97 18.17 -7.51 22.88
CA ASP C 97 17.79 -7.05 24.24
C ASP C 97 16.61 -7.86 24.77
N ALA C 98 15.86 -8.54 23.90
CA ALA C 98 14.60 -9.23 24.25
C ALA C 98 14.27 -10.24 23.17
N PHE C 99 13.51 -11.26 23.53
CA PHE C 99 13.16 -12.41 22.66
C PHE C 99 11.67 -12.61 22.66
N ILE C 100 11.14 -12.71 21.45
CA ILE C 100 9.71 -13.03 21.23
C ILE C 100 9.64 -14.41 20.58
N VAL C 101 8.80 -15.28 21.11
CA VAL C 101 8.55 -16.62 20.53
C VAL C 101 7.12 -16.66 20.01
N LEU C 102 6.96 -16.79 18.70
CA LEU C 102 5.65 -17.06 18.03
C LEU C 102 5.49 -18.54 17.78
N PRO C 103 4.27 -19.00 17.39
CA PRO C 103 4.05 -20.37 16.96
C PRO C 103 5.07 -20.84 15.92
N GLY C 104 5.57 -22.05 16.11
CA GLY C 104 6.64 -22.66 15.32
C GLY C 104 6.77 -24.13 15.67
N GLY C 105 7.70 -24.79 15.00
CA GLY C 105 8.03 -26.20 15.19
C GLY C 105 9.39 -26.37 15.85
N VAL C 106 10.17 -27.32 15.37
CA VAL C 106 11.34 -27.83 16.14
C VAL C 106 12.38 -26.71 16.23
N GLY C 107 12.61 -25.99 15.12
CA GLY C 107 13.58 -24.87 15.08
C GLY C 107 13.22 -23.78 16.06
N THR C 108 11.93 -23.42 16.15
CA THR C 108 11.45 -22.40 17.10
C THR C 108 11.65 -22.90 18.54
N LEU C 109 11.33 -24.16 18.80
CA LEU C 109 11.43 -24.79 20.16
C LEU C 109 12.91 -24.80 20.56
N ASP C 110 13.80 -25.03 19.60
CA ASP C 110 15.27 -25.01 19.82
C ASP C 110 15.63 -23.63 20.36
N GLU C 111 15.18 -22.57 19.68
CA GLU C 111 15.55 -21.18 20.03
C GLU C 111 14.93 -20.86 21.40
N LEU C 112 13.67 -21.24 21.61
CA LEU C 112 12.95 -21.01 22.88
C LEU C 112 13.77 -21.63 24.03
N PHE C 113 14.08 -22.93 23.97
CA PHE C 113 14.68 -23.65 25.13
C PHE C 113 16.13 -23.17 25.35
N ASP C 114 16.82 -22.76 24.28
CA ASP C 114 18.20 -22.24 24.32
C ASP C 114 18.21 -20.93 25.10
N ALA C 115 17.27 -20.02 24.83
CA ALA C 115 17.17 -18.72 25.51
C ALA C 115 16.64 -18.93 26.94
N TRP C 116 15.64 -19.79 27.10
CA TRP C 116 14.98 -20.04 28.40
C TRP C 116 15.99 -20.64 29.38
N THR C 117 16.78 -21.63 28.97
CA THR C 117 17.74 -22.25 29.91
C THR C 117 18.72 -21.15 30.41
N ASP C 118 19.34 -20.38 29.52
CA ASP C 118 20.29 -19.30 29.89
C ASP C 118 19.66 -18.25 30.79
N GLY C 119 18.41 -17.87 30.52
CA GLY C 119 17.65 -16.91 31.36
C GLY C 119 17.47 -17.46 32.76
N TYR C 120 16.98 -18.68 32.88
CA TYR C 120 16.71 -19.40 34.14
C TYR C 120 17.98 -19.55 34.99
N LEU C 121 19.05 -20.00 34.37
CA LEU C 121 20.32 -20.27 35.09
C LEU C 121 21.02 -18.94 35.46
N GLY C 122 20.57 -17.81 34.89
CA GLY C 122 20.94 -16.44 35.31
C GLY C 122 22.00 -15.80 34.43
N THR C 123 22.29 -16.35 33.26
CA THR C 123 23.29 -15.86 32.29
C THR C 123 22.89 -14.46 31.84
N HIS C 124 21.59 -14.15 31.78
CA HIS C 124 21.07 -12.83 31.37
C HIS C 124 19.66 -12.65 31.92
N ASP C 125 19.19 -11.40 31.94
CA ASP C 125 17.86 -10.98 32.44
C ASP C 125 17.06 -10.37 31.28
N LYS C 126 17.35 -10.76 30.03
CA LYS C 126 16.58 -10.31 28.85
C LYS C 126 15.21 -10.96 28.89
N PRO C 127 14.13 -10.19 28.63
CA PRO C 127 12.78 -10.74 28.57
C PRO C 127 12.64 -11.81 27.49
N ILE C 128 12.01 -12.93 27.84
CA ILE C 128 11.60 -14.04 26.93
C ILE C 128 10.08 -14.13 26.93
N VAL C 129 9.48 -13.74 25.82
CA VAL C 129 8.02 -13.55 25.74
C VAL C 129 7.46 -14.41 24.62
N MET C 130 6.58 -15.31 25.01
CA MET C 130 5.83 -16.17 24.09
C MET C 130 4.51 -15.46 23.79
N VAL C 131 4.22 -15.31 22.52
CA VAL C 131 2.97 -14.64 22.04
C VAL C 131 2.14 -15.73 21.37
N ASP C 132 1.03 -16.08 21.98
CA ASP C 132 0.25 -17.27 21.58
C ASP C 132 -1.23 -16.91 21.70
N PRO C 133 -1.78 -16.21 20.69
CA PRO C 133 -3.19 -15.82 20.71
C PRO C 133 -4.19 -16.99 20.73
N TRP C 134 -3.88 -18.09 20.06
CA TRP C 134 -4.88 -19.17 19.83
C TRP C 134 -4.45 -20.49 20.48
N GLY C 135 -3.45 -20.47 21.37
CA GLY C 135 -3.06 -21.66 22.16
C GLY C 135 -2.28 -22.70 21.36
N HIS C 136 -1.46 -22.27 20.38
CA HIS C 136 -0.50 -23.15 19.69
C HIS C 136 0.29 -24.00 20.69
N PHE C 137 0.77 -23.38 21.77
CA PHE C 137 1.68 -23.99 22.77
C PHE C 137 0.92 -24.55 23.99
N ASP C 138 -0.42 -24.63 23.97
CA ASP C 138 -1.18 -25.05 25.19
C ASP C 138 -0.76 -26.44 25.63
N GLY C 139 -0.67 -27.40 24.71
CA GLY C 139 -0.26 -28.79 24.98
C GLY C 139 1.12 -28.87 25.63
N LEU C 140 2.09 -28.13 25.08
CA LEU C 140 3.48 -28.06 25.63
C LEU C 140 3.44 -27.50 27.06
N ARG C 141 2.73 -26.40 27.23
CA ARG C 141 2.71 -25.69 28.53
C ARG C 141 2.00 -26.56 29.59
N ALA C 142 0.95 -27.29 29.24
CA ALA C 142 0.25 -28.22 30.15
C ALA C 142 1.24 -29.31 30.58
N TRP C 143 2.01 -29.85 29.62
CA TRP C 143 3.00 -30.90 29.90
C TRP C 143 4.12 -30.36 30.81
N LEU C 144 4.58 -29.10 30.58
CA LEU C 144 5.62 -28.48 31.44
C LEU C 144 5.06 -28.26 32.84
N ASN C 145 3.77 -27.97 32.96
CA ASN C 145 3.12 -27.84 34.30
C ASN C 145 3.16 -29.20 35.03
N GLY C 146 3.00 -30.32 34.32
CA GLY C 146 3.17 -31.68 34.89
C GLY C 146 4.58 -31.90 35.39
N LEU C 147 5.59 -31.39 34.66
CA LEU C 147 7.01 -31.48 35.05
C LEU C 147 7.24 -30.62 36.30
N LEU C 148 6.56 -29.49 36.42
CA LEU C 148 6.67 -28.64 37.63
C LEU C 148 6.10 -29.45 38.81
N ASP C 149 5.00 -30.14 38.58
CA ASP C 149 4.28 -30.93 39.62
C ASP C 149 5.20 -32.04 40.15
N THR C 150 6.12 -32.59 39.34
CA THR C 150 6.96 -33.77 39.70
C THR C 150 8.43 -33.40 39.93
N GLY C 151 8.77 -32.10 40.00
CA GLY C 151 10.07 -31.64 40.48
C GLY C 151 11.12 -31.57 39.37
N TYR C 152 10.73 -31.75 38.11
CA TYR C 152 11.68 -31.66 36.96
C TYR C 152 11.91 -30.20 36.53
N VAL C 153 10.93 -29.34 36.78
CA VAL C 153 11.01 -27.89 36.46
C VAL C 153 10.67 -27.14 37.73
N SER C 154 11.41 -26.08 38.03
CA SER C 154 11.20 -25.25 39.24
C SER C 154 10.17 -24.15 38.95
N PRO C 155 9.52 -23.61 39.98
CA PRO C 155 8.75 -22.37 39.86
C PRO C 155 9.53 -21.20 39.23
N THR C 156 10.81 -21.06 39.58
CA THR C 156 11.70 -19.99 39.07
C THR C 156 11.83 -20.11 37.55
N ALA C 157 12.01 -21.32 37.02
CA ALA C 157 12.05 -21.60 35.57
C ALA C 157 10.71 -21.20 34.93
N MET C 158 9.58 -21.65 35.49
CA MET C 158 8.27 -21.42 34.83
C MET C 158 7.99 -19.91 34.80
N GLU C 159 8.49 -19.15 35.79
CA GLU C 159 8.21 -17.71 35.90
C GLU C 159 9.07 -16.92 34.88
N ARG C 160 10.17 -17.51 34.42
CA ARG C 160 11.19 -16.82 33.59
C ARG C 160 10.60 -16.59 32.21
N LEU C 161 9.66 -17.43 31.79
CA LEU C 161 8.98 -17.37 30.47
C LEU C 161 7.68 -16.60 30.65
N VAL C 162 7.58 -15.43 30.03
CA VAL C 162 6.33 -14.60 30.03
C VAL C 162 5.48 -15.07 28.87
N VAL C 163 4.21 -15.41 29.10
CA VAL C 163 3.27 -15.83 28.01
C VAL C 163 2.14 -14.80 27.93
N VAL C 164 1.89 -14.26 26.74
CA VAL C 164 0.86 -13.23 26.48
C VAL C 164 0.03 -13.68 25.27
N ASP C 165 -1.18 -13.15 25.12
CA ASP C 165 -2.08 -13.61 24.05
C ASP C 165 -2.20 -12.49 23.01
N ASN C 166 -1.46 -11.39 23.16
CA ASN C 166 -1.58 -10.25 22.21
C ASN C 166 -0.26 -9.49 22.10
N VAL C 167 -0.18 -8.72 21.01
CA VAL C 167 1.07 -8.02 20.61
C VAL C 167 1.31 -6.81 21.50
N LYS C 168 0.27 -6.10 21.93
CA LYS C 168 0.51 -4.91 22.79
C LYS C 168 1.24 -5.32 24.08
N ASP C 169 0.76 -6.38 24.74
CA ASP C 169 1.33 -6.88 26.02
C ASP C 169 2.72 -7.47 25.78
N ALA C 170 2.94 -8.07 24.62
CA ALA C 170 4.28 -8.59 24.23
C ALA C 170 5.29 -7.46 24.24
N LEU C 171 5.00 -6.36 23.56
CA LEU C 171 5.96 -5.24 23.42
C LEU C 171 6.14 -4.56 24.78
N ARG C 172 5.10 -4.50 25.61
CA ARG C 172 5.25 -3.98 26.99
C ARG C 172 6.30 -4.82 27.74
N ALA C 173 6.20 -6.16 27.67
CA ALA C 173 7.12 -7.08 28.38
C ALA C 173 8.55 -6.98 27.81
N CYS C 174 8.75 -6.51 26.58
CA CYS C 174 10.07 -6.50 25.90
C CYS C 174 10.77 -5.16 26.08
N ALA C 175 10.04 -4.11 26.44
CA ALA C 175 10.51 -2.72 26.48
C ALA C 175 11.62 -2.57 27.53
N PRO C 176 12.61 -1.68 27.29
CA PRO C 176 13.60 -1.36 28.33
C PRO C 176 12.83 -0.82 29.55
N SER C 177 12.89 -1.53 30.67
CA SER C 177 12.25 -1.14 31.96
C SER C 177 13.33 -0.55 32.87
N TRP D 1 0.00 12.47 8.79
CA TRP D 1 -1.42 12.80 8.54
C TRP D 1 -1.95 13.50 9.78
N THR D 2 -2.66 14.61 9.58
CA THR D 2 -3.03 15.54 10.67
C THR D 2 -4.52 15.83 10.60
N VAL D 3 -5.22 15.67 11.72
CA VAL D 3 -6.67 16.00 11.79
C VAL D 3 -6.87 17.13 12.81
N ALA D 4 -7.51 18.20 12.38
CA ALA D 4 -7.97 19.30 13.25
C ALA D 4 -9.31 18.90 13.86
N VAL D 5 -9.47 19.12 15.17
CA VAL D 5 -10.77 18.87 15.85
C VAL D 5 -11.26 20.20 16.42
N TYR D 6 -12.41 20.64 15.93
CA TYR D 6 -13.15 21.84 16.38
C TYR D 6 -14.25 21.39 17.33
N CYS D 7 -14.28 21.92 18.54
CA CYS D 7 -15.20 21.38 19.57
C CYS D 7 -15.41 22.36 20.72
N ALA D 8 -16.39 22.05 21.56
CA ALA D 8 -16.89 22.91 22.66
C ALA D 8 -15.75 23.42 23.54
N ALA D 9 -15.85 24.69 23.93
CA ALA D 9 -14.90 25.36 24.81
C ALA D 9 -15.44 25.47 26.24
N SER D 10 -16.72 25.24 26.55
CA SER D 10 -17.24 25.61 27.89
CA SER D 10 -17.24 25.60 27.90
C SER D 10 -17.82 24.43 28.68
N PRO D 11 -18.80 23.68 28.18
CA PRO D 11 -19.51 22.76 29.09
C PRO D 11 -18.77 21.47 29.46
N THR D 12 -19.21 20.82 30.54
CA THR D 12 -18.53 19.59 31.07
C THR D 12 -19.49 18.38 31.04
N HIS D 13 -20.51 18.39 30.18
CA HIS D 13 -21.47 17.26 30.04
C HIS D 13 -20.66 15.98 29.84
N ALA D 14 -20.90 14.97 30.66
CA ALA D 14 -20.15 13.68 30.54
C ALA D 14 -20.16 13.15 29.11
N GLU D 15 -21.29 13.20 28.40
CA GLU D 15 -21.39 12.60 27.04
C GLU D 15 -20.49 13.37 26.08
N LEU D 16 -20.35 14.67 26.30
CA LEU D 16 -19.50 15.54 25.44
C LEU D 16 -18.01 15.24 25.68
N LEU D 17 -17.59 15.16 26.93
CA LEU D 17 -16.19 14.87 27.30
C LEU D 17 -15.79 13.49 26.81
N GLU D 18 -16.69 12.52 26.93
CA GLU D 18 -16.46 11.13 26.48
C GLU D 18 -16.28 11.10 24.95
N LEU D 19 -17.18 11.71 24.19
CA LEU D 19 -17.11 11.79 22.71
C LEU D 19 -15.76 12.40 22.27
N ALA D 20 -15.41 13.56 22.83
CA ALA D 20 -14.17 14.28 22.49
C ALA D 20 -12.95 13.39 22.81
N ALA D 21 -12.96 12.70 23.96
CA ALA D 21 -11.80 11.89 24.39
C ALA D 21 -11.69 10.69 23.43
N GLU D 22 -12.83 10.11 23.06
CA GLU D 22 -12.94 8.97 22.12
C GLU D 22 -12.30 9.36 20.78
N VAL D 23 -12.56 10.58 20.31
CA VAL D 23 -11.96 11.07 19.02
C VAL D 23 -10.45 11.27 19.17
N GLY D 24 -9.99 11.91 20.25
CA GLY D 24 -8.56 12.14 20.52
C GLY D 24 -7.79 10.82 20.59
N ALA D 25 -8.33 9.87 21.34
CA ALA D 25 -7.79 8.49 21.49
C ALA D 25 -7.69 7.78 20.13
N ALA D 26 -8.72 7.87 19.29
CA ALA D 26 -8.82 7.20 17.98
C ALA D 26 -7.85 7.85 16.99
N ILE D 27 -7.74 9.18 16.99
CA ILE D 27 -6.72 9.88 16.15
C ILE D 27 -5.31 9.39 16.54
N ALA D 28 -4.96 9.37 17.81
CA ALA D 28 -3.63 8.96 18.29
C ALA D 28 -3.43 7.48 17.92
N GLY D 29 -4.49 6.70 18.05
CA GLY D 29 -4.51 5.25 17.73
C GLY D 29 -4.08 4.98 16.31
N ARG D 30 -4.50 5.83 15.35
CA ARG D 30 -4.13 5.72 13.91
C ARG D 30 -2.72 6.21 13.64
N GLY D 31 -2.04 6.73 14.66
CA GLY D 31 -0.71 7.37 14.56
C GLY D 31 -0.82 8.70 13.84
N TRP D 32 -2.00 9.33 13.84
CA TRP D 32 -2.19 10.70 13.27
C TRP D 32 -1.85 11.76 14.32
N THR D 33 -1.51 12.97 13.85
CA THR D 33 -1.30 14.17 14.67
C THR D 33 -2.66 14.85 14.87
N LEU D 34 -2.93 15.31 16.08
CA LEU D 34 -4.09 16.14 16.43
C LEU D 34 -3.68 17.61 16.31
N VAL D 35 -4.47 18.37 15.57
CA VAL D 35 -4.50 19.86 15.68
C VAL D 35 -5.80 20.24 16.41
N TRP D 36 -5.73 21.11 17.41
CA TRP D 36 -6.97 21.66 18.02
C TRP D 36 -6.71 23.11 18.46
N GLY D 37 -7.73 23.73 19.05
CA GLY D 37 -7.64 25.15 19.45
C GLY D 37 -6.81 25.40 20.69
N GLY D 38 -6.17 24.38 21.26
CA GLY D 38 -5.13 24.56 22.28
C GLY D 38 -5.69 24.80 23.67
N GLY D 39 -7.00 24.64 23.91
CA GLY D 39 -7.56 24.89 25.25
C GLY D 39 -7.49 23.64 26.14
N HIS D 40 -7.49 23.84 27.45
CA HIS D 40 -7.59 22.73 28.44
C HIS D 40 -9.04 22.54 28.90
N VAL D 41 -9.99 23.43 28.58
CA VAL D 41 -11.39 23.33 29.11
C VAL D 41 -12.30 22.52 28.19
N SER D 42 -13.29 21.84 28.80
CA SER D 42 -14.44 21.21 28.10
C SER D 42 -13.90 20.19 27.08
N ALA D 43 -14.55 20.07 25.91
CA ALA D 43 -14.20 19.10 24.85
C ALA D 43 -12.77 19.34 24.33
N MET D 44 -12.30 20.59 24.30
CA MET D 44 -10.92 20.90 23.82
C MET D 44 -9.91 20.21 24.74
N GLY D 45 -10.08 20.30 26.06
CA GLY D 45 -9.16 19.62 26.98
C GLY D 45 -9.26 18.12 26.81
N ALA D 46 -10.45 17.59 26.57
CA ALA D 46 -10.68 16.12 26.51
C ALA D 46 -9.97 15.52 25.29
N VAL D 47 -10.09 16.17 24.14
CA VAL D 47 -9.58 15.58 22.87
C VAL D 47 -8.05 15.50 22.95
N ALA D 48 -7.39 16.53 23.42
CA ALA D 48 -5.89 16.58 23.45
C ALA D 48 -5.35 15.69 24.58
N SER D 49 -6.03 15.68 25.73
CA SER D 49 -5.62 14.85 26.89
C SER D 49 -5.65 13.37 26.48
N ALA D 50 -6.75 12.93 25.85
CA ALA D 50 -6.92 11.55 25.35
C ALA D 50 -5.89 11.17 24.28
N ALA D 51 -5.66 12.01 23.27
CA ALA D 51 -4.61 11.78 22.25
C ALA D 51 -3.23 11.61 22.94
N ARG D 52 -2.84 12.48 23.86
CA ARG D 52 -1.50 12.40 24.53
C ARG D 52 -1.36 11.10 25.34
N ALA D 53 -2.46 10.67 25.99
CA ALA D 53 -2.53 9.46 26.85
C ALA D 53 -2.32 8.21 25.99
N CYS D 54 -2.74 8.24 24.73
CA CYS D 54 -2.54 7.17 23.73
C CYS D 54 -1.28 7.40 22.89
N GLY D 55 -0.38 8.26 23.36
CA GLY D 55 0.95 8.48 22.73
C GLY D 55 0.87 9.39 21.50
N GLY D 56 -0.23 10.10 21.31
CA GLY D 56 -0.41 10.95 20.12
C GLY D 56 0.27 12.30 20.29
N TRP D 57 0.78 12.84 19.17
CA TRP D 57 1.31 14.21 19.05
C TRP D 57 0.11 15.19 18.96
N THR D 58 0.19 16.26 19.74
CA THR D 58 -0.87 17.29 19.84
C THR D 58 -0.30 18.67 19.55
N VAL D 59 -0.95 19.37 18.62
CA VAL D 59 -0.59 20.72 18.18
C VAL D 59 -1.75 21.67 18.49
N GLY D 60 -1.55 22.51 19.49
CA GLY D 60 -2.56 23.48 19.93
C GLY D 60 -2.26 24.84 19.33
N VAL D 61 -3.24 25.50 18.75
CA VAL D 61 -3.06 26.82 18.10
C VAL D 61 -4.08 27.73 18.77
N ILE D 62 -3.60 28.76 19.44
CA ILE D 62 -4.43 29.56 20.37
C ILE D 62 -4.00 31.02 20.31
N PRO D 63 -4.94 31.96 20.34
CA PRO D 63 -4.61 33.39 20.40
C PRO D 63 -4.13 33.76 21.80
N LYS D 64 -3.22 34.73 21.90
CA LYS D 64 -2.65 35.19 23.18
C LYS D 64 -3.79 35.59 24.14
N MET D 65 -4.92 36.12 23.64
CA MET D 65 -5.99 36.56 24.55
C MET D 65 -6.42 35.39 25.44
N LEU D 66 -6.50 34.15 24.92
CA LEU D 66 -6.94 32.97 25.72
C LEU D 66 -5.77 32.47 26.59
N VAL D 67 -4.53 32.62 26.14
CA VAL D 67 -3.34 32.34 27.00
C VAL D 67 -3.40 33.24 28.24
N TYR D 68 -3.66 34.53 28.07
CA TYR D 68 -3.71 35.53 29.18
C TYR D 68 -4.81 35.17 30.17
N ARG D 69 -5.90 34.57 29.68
CA ARG D 69 -7.04 34.07 30.51
C ARG D 69 -6.73 32.71 31.17
N GLU D 70 -5.53 32.16 31.03
CA GLU D 70 -5.16 30.85 31.62
C GLU D 70 -6.07 29.75 31.08
N LEU D 71 -6.40 29.82 29.78
CA LEU D 71 -7.25 28.79 29.13
C LEU D 71 -6.44 27.87 28.23
N ALA D 72 -5.12 28.04 28.13
CA ALA D 72 -4.25 27.25 27.22
C ALA D 72 -3.80 25.95 27.89
N ASP D 73 -3.67 24.90 27.07
CA ASP D 73 -3.10 23.60 27.48
C ASP D 73 -1.58 23.67 27.30
N HIS D 74 -0.85 23.92 28.38
CA HIS D 74 0.62 24.08 28.29
C HIS D 74 1.27 22.70 28.17
N ASP D 75 0.50 21.60 28.22
CA ASP D 75 0.96 20.21 27.96
C ASP D 75 0.85 19.83 26.48
N ALA D 76 0.35 20.71 25.60
CA ALA D 76 0.44 20.48 24.13
C ALA D 76 1.90 20.18 23.76
N ASP D 77 2.09 19.26 22.84
CA ASP D 77 3.42 18.85 22.32
C ASP D 77 4.01 20.05 21.59
N GLU D 78 3.17 20.79 20.84
CA GLU D 78 3.52 22.07 20.21
C GLU D 78 2.40 23.03 20.54
N LEU D 79 2.71 24.19 21.12
CA LEU D 79 1.71 25.26 21.33
C LEU D 79 2.12 26.46 20.51
N ILE D 80 1.32 26.74 19.49
CA ILE D 80 1.48 27.90 18.60
C ILE D 80 0.57 29.00 19.10
N VAL D 81 1.15 30.08 19.60
CA VAL D 81 0.37 31.21 20.14
C VAL D 81 0.32 32.30 19.06
N THR D 82 -0.87 32.70 18.65
CA THR D 82 -1.07 33.73 17.60
C THR D 82 -1.55 35.03 18.23
N ASP D 83 -1.22 36.15 17.58
CA ASP D 83 -1.75 37.46 18.02
C ASP D 83 -3.25 37.55 17.80
N THR D 84 -3.80 36.94 16.74
CA THR D 84 -5.19 37.15 16.27
C THR D 84 -5.94 35.83 16.08
N MET D 85 -7.26 35.90 16.03
CA MET D 85 -8.07 34.68 15.68
C MET D 85 -7.88 34.34 14.20
N TRP D 86 -7.74 35.33 13.31
CA TRP D 86 -7.64 35.01 11.87
C TRP D 86 -6.36 34.22 11.63
N GLU D 87 -5.26 34.50 12.34
CA GLU D 87 -4.01 33.73 12.19
C GLU D 87 -4.18 32.32 12.80
N ARG D 88 -4.84 32.20 13.96
CA ARG D 88 -5.13 30.85 14.55
C ARG D 88 -5.84 29.94 13.53
N LYS D 89 -6.91 30.43 12.90
CA LYS D 89 -7.71 29.59 11.97
C LYS D 89 -6.91 29.27 10.71
N GLN D 90 -6.10 30.20 10.25
CA GLN D 90 -5.27 30.03 9.03
C GLN D 90 -4.22 28.94 9.29
N ILE D 91 -3.55 28.98 10.44
CA ILE D 91 -2.51 27.99 10.83
C ILE D 91 -3.17 26.63 11.02
N MET D 92 -4.31 26.54 11.72
CA MET D 92 -5.01 25.24 11.89
C MET D 92 -5.35 24.63 10.52
N GLU D 93 -5.93 25.42 9.61
CA GLU D 93 -6.30 24.92 8.25
C GLU D 93 -5.02 24.43 7.56
N ASP D 94 -3.96 25.25 7.58
CA ASP D 94 -2.74 24.99 6.78
C ASP D 94 -2.06 23.73 7.26
N ARG D 95 -2.11 23.44 8.56
CA ARG D 95 -1.38 22.30 9.17
C ARG D 95 -2.14 20.98 8.97
N SER D 96 -3.41 21.02 8.61
CA SER D 96 -4.33 19.85 8.78
C SER D 96 -4.69 19.25 7.42
N ASP D 97 -4.88 17.95 7.40
CA ASP D 97 -5.29 17.20 6.19
C ASP D 97 -6.80 17.00 6.19
N ALA D 98 -7.42 17.10 7.37
CA ALA D 98 -8.88 16.88 7.51
C ALA D 98 -9.38 17.60 8.76
N PHE D 99 -10.68 17.81 8.80
CA PHE D 99 -11.38 18.54 9.89
C PHE D 99 -12.52 17.71 10.46
N ILE D 100 -12.54 17.63 11.79
CA ILE D 100 -13.66 17.04 12.56
C ILE D 100 -14.34 18.16 13.35
N VAL D 101 -15.66 18.20 13.27
CA VAL D 101 -16.51 19.16 14.00
C VAL D 101 -17.33 18.37 15.01
N LEU D 102 -17.08 18.58 16.29
CA LEU D 102 -17.89 17.98 17.40
C LEU D 102 -18.86 19.05 17.88
N PRO D 103 -19.85 18.65 18.71
CA PRO D 103 -20.74 19.59 19.38
C PRO D 103 -19.95 20.73 20.01
N GLY D 104 -20.47 21.93 19.77
CA GLY D 104 -19.84 23.15 20.29
C GLY D 104 -20.77 24.32 20.14
N GLY D 105 -20.26 25.49 20.54
CA GLY D 105 -20.99 26.76 20.46
C GLY D 105 -20.50 27.68 19.32
N VAL D 106 -20.49 28.97 19.57
CA VAL D 106 -20.24 29.99 18.50
C VAL D 106 -18.85 29.80 17.89
N GLY D 107 -17.84 29.53 18.73
CA GLY D 107 -16.44 29.31 18.33
C GLY D 107 -16.30 28.09 17.43
N THR D 108 -17.02 27.00 17.73
CA THR D 108 -17.04 25.79 16.87
C THR D 108 -17.71 26.12 15.54
N LEU D 109 -18.84 26.84 15.58
CA LEU D 109 -19.61 27.18 14.37
C LEU D 109 -18.76 28.07 13.44
N ASP D 110 -17.99 29.00 14.03
CA ASP D 110 -17.04 29.88 13.31
C ASP D 110 -16.08 28.97 12.52
N GLU D 111 -15.49 27.99 13.18
CA GLU D 111 -14.49 27.07 12.54
C GLU D 111 -15.17 26.25 11.44
N LEU D 112 -16.37 25.73 11.71
CA LEU D 112 -17.18 24.91 10.77
C LEU D 112 -17.46 25.72 9.49
N PHE D 113 -18.03 26.92 9.62
CA PHE D 113 -18.44 27.74 8.44
C PHE D 113 -17.23 28.31 7.69
N ASP D 114 -16.13 28.60 8.37
CA ASP D 114 -14.83 28.99 7.75
C ASP D 114 -14.33 27.84 6.85
N ALA D 115 -14.31 26.60 7.34
CA ALA D 115 -13.80 25.46 6.56
C ALA D 115 -14.77 25.11 5.42
N TRP D 116 -16.05 25.15 5.71
CA TRP D 116 -17.11 24.74 4.77
C TRP D 116 -17.12 25.69 3.56
N THR D 117 -17.06 27.00 3.81
CA THR D 117 -17.06 28.04 2.74
C THR D 117 -15.88 27.78 1.82
N ASP D 118 -14.68 27.62 2.36
CA ASP D 118 -13.44 27.36 1.58
C ASP D 118 -13.50 26.03 0.84
N GLY D 119 -14.00 24.97 1.50
CA GLY D 119 -14.17 23.66 0.85
C GLY D 119 -15.16 23.75 -0.31
N TYR D 120 -16.31 24.40 -0.11
CA TYR D 120 -17.41 24.50 -1.10
C TYR D 120 -16.93 25.27 -2.34
N LEU D 121 -16.17 26.34 -2.12
CA LEU D 121 -15.82 27.28 -3.22
C LEU D 121 -14.65 26.67 -4.01
N GLY D 122 -13.96 25.69 -3.42
CA GLY D 122 -13.05 24.79 -4.12
C GLY D 122 -11.61 25.11 -3.78
N THR D 123 -11.36 25.84 -2.70
CA THR D 123 -9.99 26.21 -2.27
C THR D 123 -9.20 24.96 -1.87
N HIS D 124 -9.88 23.95 -1.33
CA HIS D 124 -9.25 22.68 -0.85
C HIS D 124 -10.30 21.57 -0.89
N ASP D 125 -9.80 20.34 -0.91
CA ASP D 125 -10.56 19.08 -1.03
C ASP D 125 -10.42 18.30 0.29
N LYS D 126 -10.08 18.97 1.38
CA LYS D 126 -9.89 18.28 2.67
C LYS D 126 -11.26 17.86 3.20
N PRO D 127 -11.40 16.62 3.76
CA PRO D 127 -12.65 16.21 4.35
C PRO D 127 -13.04 17.13 5.52
N ILE D 128 -14.32 17.46 5.58
CA ILE D 128 -14.93 18.15 6.75
C ILE D 128 -16.04 17.25 7.28
N VAL D 129 -15.88 16.74 8.51
CA VAL D 129 -16.75 15.69 9.07
C VAL D 129 -17.36 16.22 10.37
N MET D 130 -18.67 16.32 10.39
CA MET D 130 -19.46 16.62 11.60
C MET D 130 -19.82 15.29 12.29
N VAL D 131 -19.53 15.18 13.59
CA VAL D 131 -19.74 13.95 14.40
C VAL D 131 -20.75 14.30 15.48
N ASP D 132 -21.96 13.78 15.35
CA ASP D 132 -23.13 14.18 16.16
C ASP D 132 -23.91 12.95 16.57
N PRO D 133 -23.49 12.25 17.63
CA PRO D 133 -24.17 11.03 18.06
C PRO D 133 -25.61 11.25 18.57
N TRP D 134 -25.94 12.43 19.11
CA TRP D 134 -27.22 12.61 19.86
C TRP D 134 -28.10 13.72 19.29
N GLY D 135 -27.77 14.29 18.12
CA GLY D 135 -28.61 15.34 17.49
C GLY D 135 -28.30 16.74 17.97
N HIS D 136 -27.09 17.02 18.45
CA HIS D 136 -26.71 18.37 18.91
C HIS D 136 -27.03 19.40 17.82
N PHE D 137 -26.77 19.04 16.56
CA PHE D 137 -26.82 19.96 15.40
C PHE D 137 -28.11 19.75 14.56
N ASP D 138 -29.05 18.94 15.05
CA ASP D 138 -30.30 18.61 14.31
C ASP D 138 -31.05 19.89 13.89
N GLY D 139 -31.22 20.82 14.82
CA GLY D 139 -31.92 22.10 14.59
C GLY D 139 -31.18 22.92 13.54
N LEU D 140 -29.84 22.92 13.58
CA LEU D 140 -29.03 23.69 12.59
C LEU D 140 -29.21 23.07 11.21
N ARG D 141 -29.12 21.74 11.11
CA ARG D 141 -29.15 21.02 9.81
C ARG D 141 -30.55 21.13 9.19
N ALA D 142 -31.59 21.11 10.01
CA ALA D 142 -33.00 21.32 9.56
C ALA D 142 -33.14 22.70 8.94
N TRP D 143 -32.67 23.72 9.67
CA TRP D 143 -32.72 25.12 9.21
C TRP D 143 -31.93 25.25 7.90
N LEU D 144 -30.72 24.71 7.79
CA LEU D 144 -29.91 24.76 6.55
C LEU D 144 -30.68 24.06 5.42
N ASN D 145 -31.39 22.97 5.72
CA ASN D 145 -32.20 22.26 4.67
C ASN D 145 -33.28 23.21 4.12
N GLY D 146 -33.88 24.04 4.97
CA GLY D 146 -34.79 25.11 4.55
C GLY D 146 -34.14 26.07 3.55
N LEU D 147 -32.88 26.45 3.79
CA LEU D 147 -32.12 27.40 2.92
C LEU D 147 -31.87 26.73 1.57
N LEU D 148 -31.65 25.42 1.58
CA LEU D 148 -31.44 24.59 0.35
C LEU D 148 -32.69 24.77 -0.53
N ASP D 149 -33.87 24.65 0.09
CA ASP D 149 -35.22 24.70 -0.53
C ASP D 149 -35.57 26.10 -1.05
N THR D 150 -35.07 27.17 -0.42
CA THR D 150 -35.34 28.59 -0.81
C THR D 150 -34.17 29.20 -1.63
N GLY D 151 -33.18 28.40 -2.03
CA GLY D 151 -32.12 28.77 -2.99
C GLY D 151 -30.93 29.50 -2.35
N TYR D 152 -30.83 29.58 -1.02
CA TYR D 152 -29.69 30.28 -0.33
C TYR D 152 -28.45 29.39 -0.24
N VAL D 153 -28.62 28.08 -0.27
CA VAL D 153 -27.53 27.06 -0.21
C VAL D 153 -27.77 26.06 -1.35
N SER D 154 -26.70 25.66 -2.04
CA SER D 154 -26.79 24.73 -3.19
C SER D 154 -26.67 23.29 -2.69
N PRO D 155 -27.21 22.30 -3.42
CA PRO D 155 -26.99 20.89 -3.06
C PRO D 155 -25.50 20.53 -2.96
N THR D 156 -24.66 21.14 -3.80
CA THR D 156 -23.19 20.96 -3.88
C THR D 156 -22.55 21.40 -2.56
N ALA D 157 -22.98 22.55 -2.02
CA ALA D 157 -22.58 23.03 -0.68
C ALA D 157 -22.98 21.99 0.36
N MET D 158 -24.21 21.48 0.35
CA MET D 158 -24.69 20.58 1.43
C MET D 158 -23.92 19.26 1.40
N GLU D 159 -23.54 18.81 0.20
CA GLU D 159 -22.76 17.57 0.00
C GLU D 159 -21.36 17.72 0.60
N ARG D 160 -20.77 18.92 0.61
CA ARG D 160 -19.32 19.09 0.95
C ARG D 160 -19.08 18.73 2.42
N LEU D 161 -20.11 18.81 3.26
CA LEU D 161 -20.05 18.51 4.73
C LEU D 161 -20.54 17.06 4.93
N VAL D 162 -19.69 16.20 5.47
CA VAL D 162 -20.02 14.78 5.80
C VAL D 162 -20.55 14.78 7.23
N VAL D 163 -21.69 14.17 7.50
CA VAL D 163 -22.26 14.09 8.88
C VAL D 163 -22.25 12.61 9.23
N VAL D 164 -21.63 12.23 10.34
CA VAL D 164 -21.67 10.85 10.86
C VAL D 164 -22.16 10.89 12.32
N ASP D 165 -22.58 9.75 12.84
CA ASP D 165 -23.12 9.71 14.23
C ASP D 165 -22.22 8.85 15.12
N ASN D 166 -21.04 8.43 14.65
CA ASN D 166 -20.10 7.63 15.47
C ASN D 166 -18.65 7.90 15.06
N VAL D 167 -17.72 7.62 15.97
CA VAL D 167 -16.26 7.91 15.83
C VAL D 167 -15.66 7.03 14.73
N LYS D 168 -16.09 5.77 14.64
CA LYS D 168 -15.47 4.87 13.64
C LYS D 168 -15.72 5.43 12.24
N ASP D 169 -16.96 5.80 11.90
CA ASP D 169 -17.33 6.40 10.59
C ASP D 169 -16.62 7.75 10.43
N ALA D 170 -16.40 8.51 11.51
CA ALA D 170 -15.66 9.79 11.45
C ALA D 170 -14.25 9.53 10.92
N LEU D 171 -13.48 8.62 11.54
CA LEU D 171 -12.06 8.46 11.15
C LEU D 171 -11.95 7.84 9.75
N ARG D 172 -12.92 7.03 9.31
CA ARG D 172 -12.88 6.48 7.93
C ARG D 172 -13.08 7.62 6.92
N ALA D 173 -13.90 8.61 7.26
CA ALA D 173 -14.19 9.75 6.37
C ALA D 173 -12.96 10.68 6.32
N CYS D 174 -12.15 10.73 7.37
CA CYS D 174 -10.95 11.61 7.46
C CYS D 174 -9.68 10.91 7.00
N ALA D 175 -9.72 9.58 6.79
CA ALA D 175 -8.50 8.77 6.61
C ALA D 175 -7.85 9.15 5.29
N PRO D 176 -6.50 9.04 5.17
CA PRO D 176 -5.86 9.19 3.87
C PRO D 176 -6.36 8.18 2.82
N SER D 177 -6.05 8.48 1.56
CA SER D 177 -6.33 7.63 0.37
C SER D 177 -5.60 6.26 0.42
MG MG E . 6.48 -5.99 -11.17
C1 EDO F . 3.91 -12.09 -37.20
O1 EDO F . 3.15 -12.81 -36.22
C2 EDO F . 4.56 -12.96 -38.23
O2 EDO F . 5.60 -12.36 -39.02
C1 PEG G . 28.40 6.99 -12.02
O1 PEG G . 28.93 6.01 -12.94
C2 PEG G . 27.17 6.57 -11.17
O2 PEG G . 27.15 5.22 -10.67
C3 PEG G . 28.44 4.63 -10.49
C4 PEG G . 28.45 3.26 -11.03
O4 PEG G . 28.90 3.17 -12.38
C1 EDO H . 7.83 -8.55 -10.89
O1 EDO H . 8.85 -7.59 -11.08
C2 EDO H . 7.89 -9.78 -11.76
O2 EDO H . 8.84 -10.74 -11.37
MG MG I . -0.43 -13.37 -18.02
MG MG J . 21.17 -21.18 25.72
C1 EDO K . 16.05 -2.85 -0.04
O1 EDO K . 15.14 -3.27 0.96
C2 EDO K . 17.47 -2.97 0.34
O2 EDO K . 17.87 -2.00 1.29
MG MG L . -12.53 29.71 5.36
C1 EDO M . 10.21 17.25 17.02
O1 EDO M . 9.42 17.52 18.17
C2 EDO M . 9.42 17.03 15.77
O2 EDO M . 8.20 16.35 16.03
C1 GOL N . -19.05 4.60 24.95
O1 GOL N . -17.81 4.10 25.46
C2 GOL N . -18.78 5.71 23.96
O2 GOL N . -17.55 6.35 24.28
C3 GOL N . -19.89 6.74 23.84
O3 GOL N . -19.37 8.02 23.49
#